data_3FBL
# 
_entry.id   3FBL 
# 
_audit_conform.dict_name       mmcif_pdbx.dic 
_audit_conform.dict_version    5.383 
_audit_conform.dict_location   http://mmcif.pdb.org/dictionaries/ascii/mmcif_pdbx.dic 
# 
loop_
_database_2.database_id 
_database_2.database_code 
_database_2.pdbx_database_accession 
_database_2.pdbx_DOI 
PDB   3FBL         pdb_00003fbl 10.2210/pdb3fbl/pdb 
RCSB  RCSB050388   ?            ?                   
WWPDB D_1000050388 ?            ?                   
# 
loop_
_pdbx_audit_revision_history.ordinal 
_pdbx_audit_revision_history.data_content_type 
_pdbx_audit_revision_history.major_revision 
_pdbx_audit_revision_history.minor_revision 
_pdbx_audit_revision_history.revision_date 
1 'Structure model' 1 0 2009-11-10 
2 'Structure model' 1 1 2011-07-13 
3 'Structure model' 1 2 2023-12-27 
# 
_pdbx_audit_revision_details.ordinal             1 
_pdbx_audit_revision_details.revision_ordinal    1 
_pdbx_audit_revision_details.data_content_type   'Structure model' 
_pdbx_audit_revision_details.provider            repository 
_pdbx_audit_revision_details.type                'Initial release' 
_pdbx_audit_revision_details.description         ? 
_pdbx_audit_revision_details.details             ? 
# 
loop_
_pdbx_audit_revision_group.ordinal 
_pdbx_audit_revision_group.revision_ordinal 
_pdbx_audit_revision_group.data_content_type 
_pdbx_audit_revision_group.group 
1 2 'Structure model' 'Version format compliance' 
2 3 'Structure model' 'Data collection'           
3 3 'Structure model' 'Database references'       
4 3 'Structure model' 'Derived calculations'      
# 
loop_
_pdbx_audit_revision_category.ordinal 
_pdbx_audit_revision_category.revision_ordinal 
_pdbx_audit_revision_category.data_content_type 
_pdbx_audit_revision_category.category 
1 3 'Structure model' chem_comp_atom 
2 3 'Structure model' chem_comp_bond 
3 3 'Structure model' database_2     
4 3 'Structure model' struct_site    
# 
loop_
_pdbx_audit_revision_item.ordinal 
_pdbx_audit_revision_item.revision_ordinal 
_pdbx_audit_revision_item.data_content_type 
_pdbx_audit_revision_item.item 
1 3 'Structure model' '_database_2.pdbx_DOI'                
2 3 'Structure model' '_database_2.pdbx_database_accession' 
3 3 'Structure model' '_struct_site.pdbx_auth_asym_id'      
4 3 'Structure model' '_struct_site.pdbx_auth_comp_id'      
5 3 'Structure model' '_struct_site.pdbx_auth_seq_id'       
# 
_pdbx_database_status.status_code                     REL 
_pdbx_database_status.entry_id                        3FBL 
_pdbx_database_status.recvd_initial_deposition_date   2008-11-19 
_pdbx_database_status.deposit_site                    RCSB 
_pdbx_database_status.process_site                    PDBJ 
_pdbx_database_status.status_code_sf                  REL 
_pdbx_database_status.status_code_mr                  ? 
_pdbx_database_status.SG_entry                        ? 
_pdbx_database_status.pdb_format_compatible           Y 
_pdbx_database_status.status_code_cs                  ? 
_pdbx_database_status.status_code_nmr_data            ? 
_pdbx_database_status.methods_development_category    ? 
# 
loop_
_audit_author.name 
_audit_author.pdbx_ordinal 
'Goulet, A.'        1 
'Leulliot, N.'      2 
'Prangishvili, D.'  3 
'van Tilbeurgh, H.' 4 
'Campanacci, V.'    5 
'Cambillau, C.'     6 
# 
_citation.id                        primary 
_citation.title                     
'Acidianus filamentous virus 1 coat proteins display a helical fold spanning the filamentous archaeal viruses lineage' 
_citation.journal_abbrev            Proc.Natl.Acad.Sci.USA 
_citation.journal_volume            106 
_citation.page_first                21155 
_citation.page_last                 21160 
_citation.year                      2009 
_citation.journal_id_ASTM           PNASA6 
_citation.country                   US 
_citation.journal_id_ISSN           0027-8424 
_citation.journal_id_CSD            0040 
_citation.book_publisher            ? 
_citation.pdbx_database_id_PubMed   19934032 
_citation.pdbx_database_id_DOI      10.1073/pnas.0909893106 
# 
loop_
_citation_author.citation_id 
_citation_author.name 
_citation_author.ordinal 
_citation_author.identifier_ORCID 
primary 'Goulet, A.'               1 ? 
primary 'Blangy, S.'               2 ? 
primary 'Redder, P.'               3 ? 
primary 'Prangishvili, D.'         4 ? 
primary 'Felisberto-Rodrigues, C.' 5 ? 
primary 'Forterre, P.'             6 ? 
primary 'Campanacci, V.'           7 ? 
primary 'Cambillau, C.'            8 ? 
# 
loop_
_entity.id 
_entity.type 
_entity.src_method 
_entity.pdbx_description 
_entity.formula_weight 
_entity.pdbx_number_of_molecules 
_entity.pdbx_ec 
_entity.pdbx_mutation 
_entity.pdbx_fragment 
_entity.details 
1 polymer     man 'Putative uncharacterized protein' 9168.595 1   ? ? 'ORF132 domain, residues 51-132' ? 
2 non-polymer syn 'CHLORIDE ION'                     35.453   1   ? ? ?                                ? 
3 water       nat water                              18.015   106 ? ? ?                                ? 
# 
_entity_poly.entity_id                      1 
_entity_poly.type                           'polypeptide(L)' 
_entity_poly.nstd_linkage                   no 
_entity_poly.nstd_monomer                   no 
_entity_poly.pdbx_seq_one_letter_code       
;YHKLRLAIKEICKTDGIPNIKWGMYIAFGEKLLKSYLKMKAGSASSDMIAEYINNAISAFSSRTGISQETAQKIADFITS
NY
;
_entity_poly.pdbx_seq_one_letter_code_can   
;YHKLRLAIKEICKTDGIPNIKWGMYIAFGEKLLKSYLKMKAGSASSDMIAEYINNAISAFSSRTGISQETAQKIADFITS
NY
;
_entity_poly.pdbx_strand_id                 A 
_entity_poly.pdbx_target_identifier         ? 
# 
loop_
_pdbx_entity_nonpoly.entity_id 
_pdbx_entity_nonpoly.name 
_pdbx_entity_nonpoly.comp_id 
2 'CHLORIDE ION' CL  
3 water          HOH 
# 
loop_
_entity_poly_seq.entity_id 
_entity_poly_seq.num 
_entity_poly_seq.mon_id 
_entity_poly_seq.hetero 
1 1  TYR n 
1 2  HIS n 
1 3  LYS n 
1 4  LEU n 
1 5  ARG n 
1 6  LEU n 
1 7  ALA n 
1 8  ILE n 
1 9  LYS n 
1 10 GLU n 
1 11 ILE n 
1 12 CYS n 
1 13 LYS n 
1 14 THR n 
1 15 ASP n 
1 16 GLY n 
1 17 ILE n 
1 18 PRO n 
1 19 ASN n 
1 20 ILE n 
1 21 LYS n 
1 22 TRP n 
1 23 GLY n 
1 24 MET n 
1 25 TYR n 
1 26 ILE n 
1 27 ALA n 
1 28 PHE n 
1 29 GLY n 
1 30 GLU n 
1 31 LYS n 
1 32 LEU n 
1 33 LEU n 
1 34 LYS n 
1 35 SER n 
1 36 TYR n 
1 37 LEU n 
1 38 LYS n 
1 39 MET n 
1 40 LYS n 
1 41 ALA n 
1 42 GLY n 
1 43 SER n 
1 44 ALA n 
1 45 SER n 
1 46 SER n 
1 47 ASP n 
1 48 MET n 
1 49 ILE n 
1 50 ALA n 
1 51 GLU n 
1 52 TYR n 
1 53 ILE n 
1 54 ASN n 
1 55 ASN n 
1 56 ALA n 
1 57 ILE n 
1 58 SER n 
1 59 ALA n 
1 60 PHE n 
1 61 SER n 
1 62 SER n 
1 63 ARG n 
1 64 THR n 
1 65 GLY n 
1 66 ILE n 
1 67 SER n 
1 68 GLN n 
1 69 GLU n 
1 70 THR n 
1 71 ALA n 
1 72 GLN n 
1 73 LYS n 
1 74 ILE n 
1 75 ALA n 
1 76 ASP n 
1 77 PHE n 
1 78 ILE n 
1 79 THR n 
1 80 SER n 
1 81 ASN n 
1 82 TYR n 
# 
_entity_src_gen.entity_id                          1 
_entity_src_gen.pdbx_src_id                        1 
_entity_src_gen.pdbx_alt_source_flag               sample 
_entity_src_gen.pdbx_seq_type                      ? 
_entity_src_gen.pdbx_beg_seq_num                   ? 
_entity_src_gen.pdbx_end_seq_num                   ? 
_entity_src_gen.gene_src_common_name               ? 
_entity_src_gen.gene_src_genus                     ? 
_entity_src_gen.pdbx_gene_src_gene                 AFV1_ORF132 
_entity_src_gen.gene_src_species                   ? 
_entity_src_gen.gene_src_strain                    ? 
_entity_src_gen.gene_src_tissue                    ? 
_entity_src_gen.gene_src_tissue_fraction           ? 
_entity_src_gen.gene_src_details                   
;The protein expressed is a fusion with thioredoxin in N-terminal position. An hexahistidine-tag and a TEV protease cleavage site are inserted between thioredoxin and the protein of interest
;
_entity_src_gen.pdbx_gene_src_fragment             ? 
_entity_src_gen.pdbx_gene_src_scientific_name      'Acidianus filamentous virus 1' 
_entity_src_gen.pdbx_gene_src_ncbi_taxonomy_id     235266 
_entity_src_gen.pdbx_gene_src_variant              ? 
_entity_src_gen.pdbx_gene_src_cell_line            ? 
_entity_src_gen.pdbx_gene_src_atcc                 ? 
_entity_src_gen.pdbx_gene_src_organ                ? 
_entity_src_gen.pdbx_gene_src_organelle            ? 
_entity_src_gen.pdbx_gene_src_cell                 ? 
_entity_src_gen.pdbx_gene_src_cellular_location    ? 
_entity_src_gen.host_org_common_name               ? 
_entity_src_gen.pdbx_host_org_scientific_name      'Escherichia coli' 
_entity_src_gen.pdbx_host_org_ncbi_taxonomy_id     562 
_entity_src_gen.host_org_genus                     ? 
_entity_src_gen.pdbx_host_org_gene                 ? 
_entity_src_gen.pdbx_host_org_organ                ? 
_entity_src_gen.host_org_species                   ? 
_entity_src_gen.pdbx_host_org_tissue               ? 
_entity_src_gen.pdbx_host_org_tissue_fraction      ? 
_entity_src_gen.pdbx_host_org_strain               'Rosetta(DE3)pLysS' 
_entity_src_gen.pdbx_host_org_variant              ? 
_entity_src_gen.pdbx_host_org_cell_line            ? 
_entity_src_gen.pdbx_host_org_atcc                 ? 
_entity_src_gen.pdbx_host_org_culture_collection   ? 
_entity_src_gen.pdbx_host_org_cell                 ? 
_entity_src_gen.pdbx_host_org_organelle            ? 
_entity_src_gen.pdbx_host_org_cellular_location    ? 
_entity_src_gen.pdbx_host_org_vector_type          PLASMID 
_entity_src_gen.pdbx_host_org_vector               ? 
_entity_src_gen.host_org_details                   ? 
_entity_src_gen.expression_system_id               ? 
_entity_src_gen.plasmid_name                       pETG20A 
_entity_src_gen.plasmid_details                    ? 
_entity_src_gen.pdbx_description                   ? 
# 
loop_
_chem_comp.id 
_chem_comp.type 
_chem_comp.mon_nstd_flag 
_chem_comp.name 
_chem_comp.pdbx_synonyms 
_chem_comp.formula 
_chem_comp.formula_weight 
ALA 'L-peptide linking' y ALANINE         ? 'C3 H7 N O2'     89.093  
ARG 'L-peptide linking' y ARGININE        ? 'C6 H15 N4 O2 1' 175.209 
ASN 'L-peptide linking' y ASPARAGINE      ? 'C4 H8 N2 O3'    132.118 
ASP 'L-peptide linking' y 'ASPARTIC ACID' ? 'C4 H7 N O4'     133.103 
CL  non-polymer         . 'CHLORIDE ION'  ? 'Cl -1'          35.453  
CYS 'L-peptide linking' y CYSTEINE        ? 'C3 H7 N O2 S'   121.158 
GLN 'L-peptide linking' y GLUTAMINE       ? 'C5 H10 N2 O3'   146.144 
GLU 'L-peptide linking' y 'GLUTAMIC ACID' ? 'C5 H9 N O4'     147.129 
GLY 'peptide linking'   y GLYCINE         ? 'C2 H5 N O2'     75.067  
HIS 'L-peptide linking' y HISTIDINE       ? 'C6 H10 N3 O2 1' 156.162 
HOH non-polymer         . WATER           ? 'H2 O'           18.015  
ILE 'L-peptide linking' y ISOLEUCINE      ? 'C6 H13 N O2'    131.173 
LEU 'L-peptide linking' y LEUCINE         ? 'C6 H13 N O2'    131.173 
LYS 'L-peptide linking' y LYSINE          ? 'C6 H15 N2 O2 1' 147.195 
MET 'L-peptide linking' y METHIONINE      ? 'C5 H11 N O2 S'  149.211 
PHE 'L-peptide linking' y PHENYLALANINE   ? 'C9 H11 N O2'    165.189 
PRO 'L-peptide linking' y PROLINE         ? 'C5 H9 N O2'     115.130 
SER 'L-peptide linking' y SERINE          ? 'C3 H7 N O3'     105.093 
THR 'L-peptide linking' y THREONINE       ? 'C4 H9 N O3'     119.119 
TRP 'L-peptide linking' y TRYPTOPHAN      ? 'C11 H12 N2 O2'  204.225 
TYR 'L-peptide linking' y TYROSINE        ? 'C9 H11 N O3'    181.189 
# 
loop_
_pdbx_poly_seq_scheme.asym_id 
_pdbx_poly_seq_scheme.entity_id 
_pdbx_poly_seq_scheme.seq_id 
_pdbx_poly_seq_scheme.mon_id 
_pdbx_poly_seq_scheme.ndb_seq_num 
_pdbx_poly_seq_scheme.pdb_seq_num 
_pdbx_poly_seq_scheme.auth_seq_num 
_pdbx_poly_seq_scheme.pdb_mon_id 
_pdbx_poly_seq_scheme.auth_mon_id 
_pdbx_poly_seq_scheme.pdb_strand_id 
_pdbx_poly_seq_scheme.pdb_ins_code 
_pdbx_poly_seq_scheme.hetero 
A 1 1  TYR 1  51  51  TYR TYR A . n 
A 1 2  HIS 2  52  52  HIS HIS A . n 
A 1 3  LYS 3  53  53  LYS LYS A . n 
A 1 4  LEU 4  54  54  LEU LEU A . n 
A 1 5  ARG 5  55  55  ARG ARG A . n 
A 1 6  LEU 6  56  56  LEU LEU A . n 
A 1 7  ALA 7  57  57  ALA ALA A . n 
A 1 8  ILE 8  58  58  ILE ILE A . n 
A 1 9  LYS 9  59  59  LYS LYS A . n 
A 1 10 GLU 10 60  60  GLU GLU A . n 
A 1 11 ILE 11 61  61  ILE ILE A . n 
A 1 12 CYS 12 62  62  CYS CYS A . n 
A 1 13 LYS 13 63  63  LYS LYS A . n 
A 1 14 THR 14 64  64  THR THR A . n 
A 1 15 ASP 15 65  65  ASP ASP A . n 
A 1 16 GLY 16 66  66  GLY GLY A . n 
A 1 17 ILE 17 67  67  ILE ILE A . n 
A 1 18 PRO 18 68  68  PRO PRO A . n 
A 1 19 ASN 19 69  69  ASN ASN A . n 
A 1 20 ILE 20 70  70  ILE ILE A . n 
A 1 21 LYS 21 71  71  LYS LYS A . n 
A 1 22 TRP 22 72  72  TRP TRP A . n 
A 1 23 GLY 23 73  73  GLY GLY A . n 
A 1 24 MET 24 74  74  MET MET A . n 
A 1 25 TYR 25 75  75  TYR TYR A . n 
A 1 26 ILE 26 76  76  ILE ILE A . n 
A 1 27 ALA 27 77  77  ALA ALA A . n 
A 1 28 PHE 28 78  78  PHE PHE A . n 
A 1 29 GLY 29 79  79  GLY GLY A . n 
A 1 30 GLU 30 80  80  GLU GLU A . n 
A 1 31 LYS 31 81  81  LYS LYS A . n 
A 1 32 LEU 32 82  82  LEU LEU A . n 
A 1 33 LEU 33 83  83  LEU LEU A . n 
A 1 34 LYS 34 84  84  LYS LYS A . n 
A 1 35 SER 35 85  85  SER SER A . n 
A 1 36 TYR 36 86  86  TYR TYR A . n 
A 1 37 LEU 37 87  87  LEU LEU A . n 
A 1 38 LYS 38 88  88  LYS LYS A . n 
A 1 39 MET 39 89  89  MET MET A . n 
A 1 40 LYS 40 90  90  LYS LYS A . n 
A 1 41 ALA 41 91  91  ALA ALA A . n 
A 1 42 GLY 42 92  92  GLY GLY A . n 
A 1 43 SER 43 93  93  SER SER A . n 
A 1 44 ALA 44 94  94  ALA ALA A . n 
A 1 45 SER 45 95  95  SER SER A . n 
A 1 46 SER 46 96  96  SER SER A . n 
A 1 47 ASP 47 97  97  ASP ASP A . n 
A 1 48 MET 48 98  98  MET MET A . n 
A 1 49 ILE 49 99  99  ILE ILE A . n 
A 1 50 ALA 50 100 100 ALA ALA A . n 
A 1 51 GLU 51 101 101 GLU GLU A . n 
A 1 52 TYR 52 102 102 TYR TYR A . n 
A 1 53 ILE 53 103 103 ILE ILE A . n 
A 1 54 ASN 54 104 104 ASN ASN A . n 
A 1 55 ASN 55 105 105 ASN ASN A . n 
A 1 56 ALA 56 106 106 ALA ALA A . n 
A 1 57 ILE 57 107 107 ILE ILE A . n 
A 1 58 SER 58 108 108 SER SER A . n 
A 1 59 ALA 59 109 109 ALA ALA A . n 
A 1 60 PHE 60 110 110 PHE PHE A . n 
A 1 61 SER 61 111 111 SER SER A . n 
A 1 62 SER 62 112 112 SER SER A . n 
A 1 63 ARG 63 113 113 ARG ARG A . n 
A 1 64 THR 64 114 114 THR THR A . n 
A 1 65 GLY 65 115 115 GLY GLY A . n 
A 1 66 ILE 66 116 116 ILE ILE A . n 
A 1 67 SER 67 117 117 SER SER A . n 
A 1 68 GLN 68 118 118 GLN GLN A . n 
A 1 69 GLU 69 119 119 GLU GLU A . n 
A 1 70 THR 70 120 120 THR THR A . n 
A 1 71 ALA 71 121 121 ALA ALA A . n 
A 1 72 GLN 72 122 122 GLN GLN A . n 
A 1 73 LYS 73 123 123 LYS LYS A . n 
A 1 74 ILE 74 124 124 ILE ILE A . n 
A 1 75 ALA 75 125 125 ALA ALA A . n 
A 1 76 ASP 76 126 126 ASP ASP A . n 
A 1 77 PHE 77 127 127 PHE PHE A . n 
A 1 78 ILE 78 128 128 ILE ILE A . n 
A 1 79 THR 79 129 129 THR THR A . n 
A 1 80 SER 80 130 130 SER SER A . n 
A 1 81 ASN 81 131 131 ASN ASN A . n 
A 1 82 TYR 82 132 132 TYR TYR A . n 
# 
loop_
_pdbx_nonpoly_scheme.asym_id 
_pdbx_nonpoly_scheme.entity_id 
_pdbx_nonpoly_scheme.mon_id 
_pdbx_nonpoly_scheme.ndb_seq_num 
_pdbx_nonpoly_scheme.pdb_seq_num 
_pdbx_nonpoly_scheme.auth_seq_num 
_pdbx_nonpoly_scheme.pdb_mon_id 
_pdbx_nonpoly_scheme.auth_mon_id 
_pdbx_nonpoly_scheme.pdb_strand_id 
_pdbx_nonpoly_scheme.pdb_ins_code 
B 2 CL  1   242 242 CL  CL  A . 
C 3 HOH 1   133 133 HOH HOH A . 
C 3 HOH 2   134 134 HOH HOH A . 
C 3 HOH 3   135 135 HOH HOH A . 
C 3 HOH 4   136 136 HOH HOH A . 
C 3 HOH 5   137 137 HOH HOH A . 
C 3 HOH 6   138 138 HOH HOH A . 
C 3 HOH 7   139 139 HOH HOH A . 
C 3 HOH 8   140 140 HOH HOH A . 
C 3 HOH 9   141 141 HOH HOH A . 
C 3 HOH 10  142 142 HOH HOH A . 
C 3 HOH 11  143 143 HOH HOH A . 
C 3 HOH 12  144 144 HOH HOH A . 
C 3 HOH 13  145 145 HOH HOH A . 
C 3 HOH 14  146 146 HOH HOH A . 
C 3 HOH 15  147 147 HOH HOH A . 
C 3 HOH 16  148 148 HOH HOH A . 
C 3 HOH 17  149 149 HOH HOH A . 
C 3 HOH 18  150 150 HOH HOH A . 
C 3 HOH 19  151 151 HOH HOH A . 
C 3 HOH 20  152 152 HOH HOH A . 
C 3 HOH 21  154 154 HOH HOH A . 
C 3 HOH 22  155 155 HOH HOH A . 
C 3 HOH 23  156 156 HOH HOH A . 
C 3 HOH 24  157 157 HOH HOH A . 
C 3 HOH 25  158 158 HOH HOH A . 
C 3 HOH 26  159 159 HOH HOH A . 
C 3 HOH 27  160 160 HOH HOH A . 
C 3 HOH 28  161 161 HOH HOH A . 
C 3 HOH 29  162 162 HOH HOH A . 
C 3 HOH 30  163 163 HOH HOH A . 
C 3 HOH 31  164 164 HOH HOH A . 
C 3 HOH 32  165 165 HOH HOH A . 
C 3 HOH 33  166 166 HOH HOH A . 
C 3 HOH 34  167 167 HOH HOH A . 
C 3 HOH 35  168 168 HOH HOH A . 
C 3 HOH 36  169 169 HOH HOH A . 
C 3 HOH 37  170 170 HOH HOH A . 
C 3 HOH 38  171 171 HOH HOH A . 
C 3 HOH 39  172 172 HOH HOH A . 
C 3 HOH 40  173 173 HOH HOH A . 
C 3 HOH 41  174 174 HOH HOH A . 
C 3 HOH 42  175 175 HOH HOH A . 
C 3 HOH 43  176 176 HOH HOH A . 
C 3 HOH 44  177 177 HOH HOH A . 
C 3 HOH 45  178 178 HOH HOH A . 
C 3 HOH 46  179 179 HOH HOH A . 
C 3 HOH 47  180 180 HOH HOH A . 
C 3 HOH 48  181 181 HOH HOH A . 
C 3 HOH 49  182 182 HOH HOH A . 
C 3 HOH 50  183 183 HOH HOH A . 
C 3 HOH 51  184 184 HOH HOH A . 
C 3 HOH 52  185 185 HOH HOH A . 
C 3 HOH 53  186 186 HOH HOH A . 
C 3 HOH 54  187 187 HOH HOH A . 
C 3 HOH 55  188 188 HOH HOH A . 
C 3 HOH 56  189 189 HOH HOH A . 
C 3 HOH 57  190 190 HOH HOH A . 
C 3 HOH 58  191 191 HOH HOH A . 
C 3 HOH 59  192 192 HOH HOH A . 
C 3 HOH 60  193 193 HOH HOH A . 
C 3 HOH 61  194 194 HOH HOH A . 
C 3 HOH 62  195 195 HOH HOH A . 
C 3 HOH 63  196 196 HOH HOH A . 
C 3 HOH 64  197 197 HOH HOH A . 
C 3 HOH 65  198 198 HOH HOH A . 
C 3 HOH 66  199 199 HOH HOH A . 
C 3 HOH 67  200 200 HOH HOH A . 
C 3 HOH 68  201 201 HOH HOH A . 
C 3 HOH 69  202 202 HOH HOH A . 
C 3 HOH 70  203 203 HOH HOH A . 
C 3 HOH 71  204 204 HOH HOH A . 
C 3 HOH 72  205 205 HOH HOH A . 
C 3 HOH 73  206 206 HOH HOH A . 
C 3 HOH 74  207 207 HOH HOH A . 
C 3 HOH 75  208 208 HOH HOH A . 
C 3 HOH 76  209 209 HOH HOH A . 
C 3 HOH 77  210 210 HOH HOH A . 
C 3 HOH 78  211 211 HOH HOH A . 
C 3 HOH 79  212 212 HOH HOH A . 
C 3 HOH 80  213 213 HOH HOH A . 
C 3 HOH 81  214 214 HOH HOH A . 
C 3 HOH 82  215 215 HOH HOH A . 
C 3 HOH 83  216 216 HOH HOH A . 
C 3 HOH 84  218 218 HOH HOH A . 
C 3 HOH 85  219 219 HOH HOH A . 
C 3 HOH 86  220 220 HOH HOH A . 
C 3 HOH 87  221 221 HOH HOH A . 
C 3 HOH 88  222 222 HOH HOH A . 
C 3 HOH 89  223 223 HOH HOH A . 
C 3 HOH 90  224 224 HOH HOH A . 
C 3 HOH 91  225 225 HOH HOH A . 
C 3 HOH 92  227 227 HOH HOH A . 
C 3 HOH 93  228 228 HOH HOH A . 
C 3 HOH 94  229 229 HOH HOH A . 
C 3 HOH 95  230 230 HOH HOH A . 
C 3 HOH 96  231 231 HOH HOH A . 
C 3 HOH 97  232 232 HOH HOH A . 
C 3 HOH 98  233 233 HOH HOH A . 
C 3 HOH 99  234 234 HOH HOH A . 
C 3 HOH 100 235 235 HOH HOH A . 
C 3 HOH 101 236 236 HOH HOH A . 
C 3 HOH 102 237 237 HOH HOH A . 
C 3 HOH 103 238 238 HOH HOH A . 
C 3 HOH 104 239 239 HOH HOH A . 
C 3 HOH 105 240 240 HOH HOH A . 
C 3 HOH 106 241 241 HOH HOH A . 
# 
loop_
_software.name 
_software.classification 
_software.version 
_software.citation_id 
_software.pdbx_ordinal 
PHENIX 'model building' .        ? 1 
REFMAC refinement       5.2.0019 ? 2 
MOSFLM 'data reduction' .        ? 3 
SCALA  'data scaling'   .        ? 4 
PHENIX phasing          .        ? 5 
# 
_cell.entry_id           3FBL 
_cell.length_a           28.353 
_cell.length_b           47.576 
_cell.length_c           60.079 
_cell.angle_alpha        90.00 
_cell.angle_beta         90.00 
_cell.angle_gamma        90.00 
_cell.Z_PDB              4 
_cell.pdbx_unique_axis   ? 
_cell.length_a_esd       ? 
_cell.length_b_esd       ? 
_cell.length_c_esd       ? 
_cell.angle_alpha_esd    ? 
_cell.angle_beta_esd     ? 
_cell.angle_gamma_esd    ? 
# 
_symmetry.entry_id                         3FBL 
_symmetry.space_group_name_H-M             'P 21 21 21' 
_symmetry.pdbx_full_space_group_name_H-M   ? 
_symmetry.cell_setting                     ? 
_symmetry.Int_Tables_number                19 
_symmetry.space_group_name_Hall            ? 
# 
_exptl.entry_id          3FBL 
_exptl.method            'X-RAY DIFFRACTION' 
_exptl.crystals_number   1 
# 
_exptl_crystal.id                    1 
_exptl_crystal.density_meas          ? 
_exptl_crystal.density_Matthews      2.21 
_exptl_crystal.density_percent_sol   44.34 
_exptl_crystal.description           ? 
_exptl_crystal.F_000                 ? 
_exptl_crystal.preparation           ? 
# 
_exptl_crystal_grow.crystal_id      1 
_exptl_crystal_grow.method          'VAPOR DIFFUSION, HANGING DROP' 
_exptl_crystal_grow.temp            293 
_exptl_crystal_grow.temp_details    ? 
_exptl_crystal_grow.pH              6 
_exptl_crystal_grow.pdbx_details    '12% PEG 8000, 0.025 mM Na2HPO4/KH2PO4, pH 6, VAPOR DIFFUSION, HANGING DROP, temperature 293K' 
_exptl_crystal_grow.pdbx_pH_range   . 
# 
_diffrn.id                     1 
_diffrn.ambient_temp           100 
_diffrn.ambient_temp_details   ? 
_diffrn.crystal_id             1 
# 
_diffrn_detector.diffrn_id              1 
_diffrn_detector.detector               'IMAGE PLATE' 
_diffrn_detector.type                   'MAR scanner 345 mm plate' 
_diffrn_detector.pdbx_collection_date   2008-01-07 
_diffrn_detector.details                ? 
# 
_diffrn_radiation.diffrn_id                        1 
_diffrn_radiation.wavelength_id                    1 
_diffrn_radiation.pdbx_monochromatic_or_laue_m_l   M 
_diffrn_radiation.monochromator                    ? 
_diffrn_radiation.pdbx_diffrn_protocol             'SINGLE WAVELENGTH' 
_diffrn_radiation.pdbx_scattering_type             x-ray 
# 
_diffrn_radiation_wavelength.id           1 
_diffrn_radiation_wavelength.wavelength   1.54 
_diffrn_radiation_wavelength.wt           1.0 
# 
_diffrn_source.diffrn_id                   1 
_diffrn_source.source                      'ROTATING ANODE' 
_diffrn_source.type                        'BRUKER AXS MICROSTAR' 
_diffrn_source.pdbx_synchrotron_site       ? 
_diffrn_source.pdbx_synchrotron_beamline   ? 
_diffrn_source.pdbx_wavelength             ? 
_diffrn_source.pdbx_wavelength_list        1.54 
# 
_reflns.entry_id                     3FBL 
_reflns.observed_criterion_sigma_I   ? 
_reflns.observed_criterion_sigma_F   ? 
_reflns.d_resolution_low             25.6 
_reflns.d_resolution_high            1.95 
_reflns.number_obs                   6349 
_reflns.number_all                   ? 
_reflns.percent_possible_obs         100 
_reflns.pdbx_Rmerge_I_obs            0.037 
_reflns.pdbx_Rsym_value              0.037 
_reflns.pdbx_netI_over_sigmaI        136.6 
_reflns.B_iso_Wilson_estimate        11.2 
_reflns.pdbx_redundancy              76 
_reflns.R_free_details               ? 
_reflns.limit_h_max                  ? 
_reflns.limit_h_min                  ? 
_reflns.limit_k_max                  ? 
_reflns.limit_k_min                  ? 
_reflns.limit_l_max                  ? 
_reflns.limit_l_min                  ? 
_reflns.observed_criterion_F_max     ? 
_reflns.observed_criterion_F_min     ? 
_reflns.pdbx_chi_squared             ? 
_reflns.pdbx_scaling_rejects         ? 
_reflns.pdbx_diffrn_id               1 
_reflns.pdbx_ordinal                 1 
# 
_reflns_shell.d_res_high             1.95 
_reflns_shell.d_res_low              2.06 
_reflns_shell.percent_possible_all   100 
_reflns_shell.Rmerge_I_obs           0.066 
_reflns_shell.pdbx_Rsym_value        0.066 
_reflns_shell.meanI_over_sigI_obs    89 
_reflns_shell.pdbx_redundancy        76 
_reflns_shell.percent_possible_obs   ? 
_reflns_shell.number_unique_all      902 
_reflns_shell.number_measured_all    ? 
_reflns_shell.number_measured_obs    ? 
_reflns_shell.number_unique_obs      ? 
_reflns_shell.pdbx_chi_squared       ? 
_reflns_shell.pdbx_diffrn_id         ? 
_reflns_shell.pdbx_ordinal           1 
# 
_refine.entry_id                                 3FBL 
_refine.ls_number_reflns_obs                     5512 
_refine.ls_number_reflns_all                     ? 
_refine.pdbx_ls_sigma_I                          ? 
_refine.pdbx_ls_sigma_F                          ? 
_refine.pdbx_data_cutoff_high_absF               ? 
_refine.pdbx_data_cutoff_low_absF                ? 
_refine.pdbx_data_cutoff_high_rms_absF           ? 
_refine.ls_d_res_low                             18.00 
_refine.ls_d_res_high                            1.95 
_refine.ls_percent_reflns_obs                    100.00 
_refine.ls_R_factor_obs                          0.16203 
_refine.ls_R_factor_all                          ? 
_refine.ls_R_factor_R_work                       0.15699 
_refine.ls_R_factor_R_free                       0.19619 
_refine.ls_R_factor_R_free_error                 ? 
_refine.ls_R_factor_R_free_error_details         ? 
_refine.ls_percent_reflns_R_free                 12.6 
_refine.ls_number_reflns_R_free                  795 
_refine.ls_number_parameters                     ? 
_refine.ls_number_restraints                     ? 
_refine.occupancy_min                            ? 
_refine.occupancy_max                            ? 
_refine.correlation_coeff_Fo_to_Fc               0.949 
_refine.correlation_coeff_Fo_to_Fc_free          0.927 
_refine.B_iso_mean                               9.592 
_refine.aniso_B[1][1]                            0.09 
_refine.aniso_B[2][2]                            -0.19 
_refine.aniso_B[3][3]                            0.11 
_refine.aniso_B[1][2]                            0.00 
_refine.aniso_B[1][3]                            0.00 
_refine.aniso_B[2][3]                            0.00 
_refine.solvent_model_details                    MASK 
_refine.solvent_model_param_ksol                 ? 
_refine.solvent_model_param_bsol                 ? 
_refine.pdbx_solvent_vdw_probe_radii             1.20 
_refine.pdbx_solvent_ion_probe_radii             0.80 
_refine.pdbx_solvent_shrinkage_radii             0.80 
_refine.pdbx_ls_cross_valid_method               THROUGHOUT 
_refine.details                                  ? 
_refine.pdbx_starting_model                      ? 
_refine.pdbx_method_to_determine_struct          SAD 
_refine.pdbx_isotropic_thermal_model             ? 
_refine.pdbx_stereochemistry_target_values       'MAXIMUM LIKELIHOOD' 
_refine.pdbx_stereochem_target_val_spec_case     ? 
_refine.pdbx_R_Free_selection_details            RANDOM 
_refine.pdbx_overall_ESU_R                       0.179 
_refine.pdbx_overall_ESU_R_Free                  0.149 
_refine.overall_SU_ML                            0.084 
_refine.overall_SU_B                             2.807 
_refine.ls_redundancy_reflns_obs                 ? 
_refine.B_iso_min                                ? 
_refine.B_iso_max                                ? 
_refine.overall_SU_R_Cruickshank_DPI             ? 
_refine.overall_SU_R_free                        ? 
_refine.ls_wR_factor_R_free                      ? 
_refine.ls_wR_factor_R_work                      ? 
_refine.overall_FOM_free_R_set                   ? 
_refine.overall_FOM_work_R_set                   ? 
_refine.pdbx_refine_id                           'X-RAY DIFFRACTION' 
_refine.pdbx_overall_phase_error                 ? 
_refine.pdbx_diffrn_id                           1 
_refine.pdbx_TLS_residual_ADP_flag               ? 
_refine.pdbx_overall_SU_R_free_Cruickshank_DPI   ? 
_refine.pdbx_overall_SU_R_Blow_DPI               ? 
_refine.pdbx_overall_SU_R_free_Blow_DPI          ? 
# 
_refine_hist.pdbx_refine_id                   'X-RAY DIFFRACTION' 
_refine_hist.cycle_id                         LAST 
_refine_hist.pdbx_number_atoms_protein        657 
_refine_hist.pdbx_number_atoms_nucleic_acid   0 
_refine_hist.pdbx_number_atoms_ligand         1 
_refine_hist.number_atoms_solvent             106 
_refine_hist.number_atoms_total               764 
_refine_hist.d_res_high                       1.95 
_refine_hist.d_res_low                        18.00 
# 
loop_
_refine_ls_restr.type 
_refine_ls_restr.dev_ideal 
_refine_ls_restr.dev_ideal_target 
_refine_ls_restr.weight 
_refine_ls_restr.number 
_refine_ls_restr.pdbx_refine_id 
_refine_ls_restr.pdbx_restraint_function 
r_bond_refined_d             0.013  0.022  ? 670 'X-RAY DIFFRACTION' ? 
r_bond_other_d               ?      ?      ? ?   'X-RAY DIFFRACTION' ? 
r_angle_refined_deg          1.066  1.962  ? 901 'X-RAY DIFFRACTION' ? 
r_angle_other_deg            ?      ?      ? ?   'X-RAY DIFFRACTION' ? 
r_dihedral_angle_1_deg       3.726  5.000  ? 85  'X-RAY DIFFRACTION' ? 
r_dihedral_angle_2_deg       33.362 24.074 ? 27  'X-RAY DIFFRACTION' ? 
r_dihedral_angle_3_deg       12.077 15.000 ? 131 'X-RAY DIFFRACTION' ? 
r_dihedral_angle_4_deg       13.138 15.000 ? 3   'X-RAY DIFFRACTION' ? 
r_chiral_restr               0.077  0.200  ? 99  'X-RAY DIFFRACTION' ? 
r_gen_planes_refined         0.004  0.020  ? 488 'X-RAY DIFFRACTION' ? 
r_gen_planes_other           ?      ?      ? ?   'X-RAY DIFFRACTION' ? 
r_nbd_refined                0.212  0.200  ? 318 'X-RAY DIFFRACTION' ? 
r_nbd_other                  ?      ?      ? ?   'X-RAY DIFFRACTION' ? 
r_nbtor_refined              0.302  0.200  ? 481 'X-RAY DIFFRACTION' ? 
r_nbtor_other                ?      ?      ? ?   'X-RAY DIFFRACTION' ? 
r_xyhbond_nbd_refined        0.153  0.200  ? 78  'X-RAY DIFFRACTION' ? 
r_xyhbond_nbd_other          ?      ?      ? ?   'X-RAY DIFFRACTION' ? 
r_metal_ion_refined          ?      ?      ? ?   'X-RAY DIFFRACTION' ? 
r_metal_ion_other            ?      ?      ? ?   'X-RAY DIFFRACTION' ? 
r_symmetry_vdw_refined       0.265  0.200  ? 35  'X-RAY DIFFRACTION' ? 
r_symmetry_vdw_other         ?      ?      ? ?   'X-RAY DIFFRACTION' ? 
r_symmetry_hbond_refined     0.217  0.200  ? 16  'X-RAY DIFFRACTION' ? 
r_symmetry_hbond_other       ?      ?      ? ?   'X-RAY DIFFRACTION' ? 
r_symmetry_metal_ion_refined ?      ?      ? ?   'X-RAY DIFFRACTION' ? 
r_symmetry_metal_ion_other   ?      ?      ? ?   'X-RAY DIFFRACTION' ? 
r_mcbond_it                  1.020  1.500  ? 431 'X-RAY DIFFRACTION' ? 
r_mcbond_other               ?      ?      ? ?   'X-RAY DIFFRACTION' ? 
r_mcangle_it                 1.245  2.000  ? 661 'X-RAY DIFFRACTION' ? 
r_scbond_it                  2.354  3.000  ? 285 'X-RAY DIFFRACTION' ? 
r_scangle_it                 3.711  4.500  ? 238 'X-RAY DIFFRACTION' ? 
r_rigid_bond_restr           ?      ?      ? ?   'X-RAY DIFFRACTION' ? 
r_sphericity_free            ?      ?      ? ?   'X-RAY DIFFRACTION' ? 
r_sphericity_bonded          ?      ?      ? ?   'X-RAY DIFFRACTION' ? 
# 
_refine_ls_shell.pdbx_total_number_of_bins_used   20 
_refine_ls_shell.d_res_high                       1.950 
_refine_ls_shell.d_res_low                        2.00 
_refine_ls_shell.number_reflns_R_work             403 
_refine_ls_shell.R_factor_R_work                  0.157 
_refine_ls_shell.percent_reflns_obs               100.00 
_refine_ls_shell.R_factor_R_free                  0.190 
_refine_ls_shell.R_factor_R_free_error            ? 
_refine_ls_shell.percent_reflns_R_free            ? 
_refine_ls_shell.number_reflns_R_free             60 
_refine_ls_shell.number_reflns_all                ? 
_refine_ls_shell.R_factor_all                     ? 
_refine_ls_shell.number_reflns_obs                388 
_refine_ls_shell.redundancy_reflns_obs            ? 
_refine_ls_shell.pdbx_refine_id                   'X-RAY DIFFRACTION' 
# 
_struct.entry_id                  3FBL 
_struct.title                     'Crystal structure of ORF132 of the archaeal virus Acidianus Filamentous Virus 1 (AFV1)' 
_struct.pdbx_model_details        ? 
_struct.pdbx_CASP_flag            ? 
_struct.pdbx_model_type_details   ? 
# 
_struct_keywords.entry_id        3FBL 
_struct_keywords.pdbx_keywords   'STRUCTURAL PROTEIN' 
_struct_keywords.text            'AFV1, archaeal virus, extremophiles, lipothrixviridae, structural protein, DNA-binding protein' 
# 
loop_
_struct_asym.id 
_struct_asym.pdbx_blank_PDB_chainid_flag 
_struct_asym.pdbx_modified 
_struct_asym.entity_id 
_struct_asym.details 
A N N 1 ? 
B N N 2 ? 
C N N 3 ? 
# 
_struct_ref.id                         1 
_struct_ref.db_name                    UNP 
_struct_ref.db_code                    Q70LC7_9VIRU 
_struct_ref.pdbx_db_accession          Q70LC7 
_struct_ref.entity_id                  1 
_struct_ref.pdbx_seq_one_letter_code   
;YHKLRLAIKEICKTDGIPNIKWGMYIAFGEKLLKSYLKMKAGSASSDMIAEYINNAISAFSSRTGISQETAQKIADFITS
NY
;
_struct_ref.pdbx_align_begin           51 
_struct_ref.pdbx_db_isoform            ? 
# 
_struct_ref_seq.align_id                      1 
_struct_ref_seq.ref_id                        1 
_struct_ref_seq.pdbx_PDB_id_code              3FBL 
_struct_ref_seq.pdbx_strand_id                A 
_struct_ref_seq.seq_align_beg                 1 
_struct_ref_seq.pdbx_seq_align_beg_ins_code   ? 
_struct_ref_seq.seq_align_end                 82 
_struct_ref_seq.pdbx_seq_align_end_ins_code   ? 
_struct_ref_seq.pdbx_db_accession             Q70LC7 
_struct_ref_seq.db_align_beg                  51 
_struct_ref_seq.pdbx_db_align_beg_ins_code    ? 
_struct_ref_seq.db_align_end                  132 
_struct_ref_seq.pdbx_db_align_end_ins_code    ? 
_struct_ref_seq.pdbx_auth_seq_align_beg       51 
_struct_ref_seq.pdbx_auth_seq_align_end       132 
# 
_pdbx_struct_assembly.id                   1 
_pdbx_struct_assembly.details              author_and_software_defined_assembly 
_pdbx_struct_assembly.method_details       PISA 
_pdbx_struct_assembly.oligomeric_details   monomeric 
_pdbx_struct_assembly.oligomeric_count     1 
# 
_pdbx_struct_assembly_gen.assembly_id       1 
_pdbx_struct_assembly_gen.oper_expression   1 
_pdbx_struct_assembly_gen.asym_id_list      A,B,C 
# 
_pdbx_struct_oper_list.id                   1 
_pdbx_struct_oper_list.type                 'identity operation' 
_pdbx_struct_oper_list.name                 1_555 
_pdbx_struct_oper_list.symmetry_operation   x,y,z 
_pdbx_struct_oper_list.matrix[1][1]         1.0000000000 
_pdbx_struct_oper_list.matrix[1][2]         0.0000000000 
_pdbx_struct_oper_list.matrix[1][3]         0.0000000000 
_pdbx_struct_oper_list.vector[1]            0.0000000000 
_pdbx_struct_oper_list.matrix[2][1]         0.0000000000 
_pdbx_struct_oper_list.matrix[2][2]         1.0000000000 
_pdbx_struct_oper_list.matrix[2][3]         0.0000000000 
_pdbx_struct_oper_list.vector[2]            0.0000000000 
_pdbx_struct_oper_list.matrix[3][1]         0.0000000000 
_pdbx_struct_oper_list.matrix[3][2]         0.0000000000 
_pdbx_struct_oper_list.matrix[3][3]         1.0000000000 
_pdbx_struct_oper_list.vector[3]            0.0000000000 
# 
_struct_biol.id        1 
_struct_biol.details   ? 
# 
loop_
_struct_conf.conf_type_id 
_struct_conf.id 
_struct_conf.pdbx_PDB_helix_id 
_struct_conf.beg_label_comp_id 
_struct_conf.beg_label_asym_id 
_struct_conf.beg_label_seq_id 
_struct_conf.pdbx_beg_PDB_ins_code 
_struct_conf.end_label_comp_id 
_struct_conf.end_label_asym_id 
_struct_conf.end_label_seq_id 
_struct_conf.pdbx_end_PDB_ins_code 
_struct_conf.beg_auth_comp_id 
_struct_conf.beg_auth_asym_id 
_struct_conf.beg_auth_seq_id 
_struct_conf.end_auth_comp_id 
_struct_conf.end_auth_asym_id 
_struct_conf.end_auth_seq_id 
_struct_conf.pdbx_PDB_helix_class 
_struct_conf.details 
_struct_conf.pdbx_PDB_helix_length 
HELX_P HELX_P1 1 TYR A 1  ? ASP A 15 ? TYR A 51  ASP A 65  1 ? 15 
HELX_P HELX_P2 2 PRO A 18 ? ILE A 20 ? PRO A 68  ILE A 70  5 ? 3  
HELX_P HELX_P3 3 LYS A 21 ? GLY A 42 ? LYS A 71  GLY A 92  1 ? 22 
HELX_P HELX_P4 4 SER A 45 ? SER A 62 ? SER A 95  SER A 112 1 ? 18 
HELX_P HELX_P5 5 SER A 67 ? TYR A 82 ? SER A 117 TYR A 132 1 ? 16 
# 
_struct_conf_type.id          HELX_P 
_struct_conf_type.criteria    ? 
_struct_conf_type.reference   ? 
# 
_struct_site.id                   AC1 
_struct_site.pdbx_evidence_code   Software 
_struct_site.pdbx_auth_asym_id    A 
_struct_site.pdbx_auth_comp_id    CL 
_struct_site.pdbx_auth_seq_id     242 
_struct_site.pdbx_auth_ins_code   ? 
_struct_site.pdbx_num_residues    4 
_struct_site.details              'BINDING SITE FOR RESIDUE CL A 242' 
# 
loop_
_struct_site_gen.id 
_struct_site_gen.site_id 
_struct_site_gen.pdbx_num_res 
_struct_site_gen.label_comp_id 
_struct_site_gen.label_asym_id 
_struct_site_gen.label_seq_id 
_struct_site_gen.pdbx_auth_ins_code 
_struct_site_gen.auth_comp_id 
_struct_site_gen.auth_asym_id 
_struct_site_gen.auth_seq_id 
_struct_site_gen.label_atom_id 
_struct_site_gen.label_alt_id 
_struct_site_gen.symmetry 
_struct_site_gen.details 
1 AC1 4 TYR A 1  ? TYR A 51  . ? 1_555 ? 
2 AC1 4 LYS A 3  ? LYS A 53  . ? 1_555 ? 
3 AC1 4 LEU A 4  ? LEU A 54  . ? 1_555 ? 
4 AC1 4 TYR A 82 ? TYR A 132 . ? 1_555 ? 
# 
_pdbx_entry_details.entry_id                 3FBL 
_pdbx_entry_details.compound_details         ? 
_pdbx_entry_details.source_details           ? 
_pdbx_entry_details.nonpolymer_details       ? 
_pdbx_entry_details.sequence_details         
;THE PROTEIN USED FOR CRYSTALLIZATION IS THE FULL-LENGTH 
FORM, BUT THE PROTEIN IS DEGRADED IN CRYSTALLIZATION PLATES 
AND THUS FRAGMENT FROM RESIDUE 51 TO THE C-TERMINAL 
CRYSTALLIZES.
THE N-TERMINUS 50 RESIDUES INCLUDING THE EXPRESSION TAG GLY 
1 ARE SHOWN BELOW;
GVNKKYRQDSKDRYQYKQYIYRSIGGIVPPEMAETVTANQTAQWEAGFTP
;
_pdbx_entry_details.has_ligand_of_interest   ? 
# 
loop_
_chem_comp_atom.comp_id 
_chem_comp_atom.atom_id 
_chem_comp_atom.type_symbol 
_chem_comp_atom.pdbx_aromatic_flag 
_chem_comp_atom.pdbx_stereo_config 
_chem_comp_atom.pdbx_ordinal 
ALA N    N  N N 1   
ALA CA   C  N S 2   
ALA C    C  N N 3   
ALA O    O  N N 4   
ALA CB   C  N N 5   
ALA OXT  O  N N 6   
ALA H    H  N N 7   
ALA H2   H  N N 8   
ALA HA   H  N N 9   
ALA HB1  H  N N 10  
ALA HB2  H  N N 11  
ALA HB3  H  N N 12  
ALA HXT  H  N N 13  
ARG N    N  N N 14  
ARG CA   C  N S 15  
ARG C    C  N N 16  
ARG O    O  N N 17  
ARG CB   C  N N 18  
ARG CG   C  N N 19  
ARG CD   C  N N 20  
ARG NE   N  N N 21  
ARG CZ   C  N N 22  
ARG NH1  N  N N 23  
ARG NH2  N  N N 24  
ARG OXT  O  N N 25  
ARG H    H  N N 26  
ARG H2   H  N N 27  
ARG HA   H  N N 28  
ARG HB2  H  N N 29  
ARG HB3  H  N N 30  
ARG HG2  H  N N 31  
ARG HG3  H  N N 32  
ARG HD2  H  N N 33  
ARG HD3  H  N N 34  
ARG HE   H  N N 35  
ARG HH11 H  N N 36  
ARG HH12 H  N N 37  
ARG HH21 H  N N 38  
ARG HH22 H  N N 39  
ARG HXT  H  N N 40  
ASN N    N  N N 41  
ASN CA   C  N S 42  
ASN C    C  N N 43  
ASN O    O  N N 44  
ASN CB   C  N N 45  
ASN CG   C  N N 46  
ASN OD1  O  N N 47  
ASN ND2  N  N N 48  
ASN OXT  O  N N 49  
ASN H    H  N N 50  
ASN H2   H  N N 51  
ASN HA   H  N N 52  
ASN HB2  H  N N 53  
ASN HB3  H  N N 54  
ASN HD21 H  N N 55  
ASN HD22 H  N N 56  
ASN HXT  H  N N 57  
ASP N    N  N N 58  
ASP CA   C  N S 59  
ASP C    C  N N 60  
ASP O    O  N N 61  
ASP CB   C  N N 62  
ASP CG   C  N N 63  
ASP OD1  O  N N 64  
ASP OD2  O  N N 65  
ASP OXT  O  N N 66  
ASP H    H  N N 67  
ASP H2   H  N N 68  
ASP HA   H  N N 69  
ASP HB2  H  N N 70  
ASP HB3  H  N N 71  
ASP HD2  H  N N 72  
ASP HXT  H  N N 73  
CL  CL   CL N N 74  
CYS N    N  N N 75  
CYS CA   C  N R 76  
CYS C    C  N N 77  
CYS O    O  N N 78  
CYS CB   C  N N 79  
CYS SG   S  N N 80  
CYS OXT  O  N N 81  
CYS H    H  N N 82  
CYS H2   H  N N 83  
CYS HA   H  N N 84  
CYS HB2  H  N N 85  
CYS HB3  H  N N 86  
CYS HG   H  N N 87  
CYS HXT  H  N N 88  
GLN N    N  N N 89  
GLN CA   C  N S 90  
GLN C    C  N N 91  
GLN O    O  N N 92  
GLN CB   C  N N 93  
GLN CG   C  N N 94  
GLN CD   C  N N 95  
GLN OE1  O  N N 96  
GLN NE2  N  N N 97  
GLN OXT  O  N N 98  
GLN H    H  N N 99  
GLN H2   H  N N 100 
GLN HA   H  N N 101 
GLN HB2  H  N N 102 
GLN HB3  H  N N 103 
GLN HG2  H  N N 104 
GLN HG3  H  N N 105 
GLN HE21 H  N N 106 
GLN HE22 H  N N 107 
GLN HXT  H  N N 108 
GLU N    N  N N 109 
GLU CA   C  N S 110 
GLU C    C  N N 111 
GLU O    O  N N 112 
GLU CB   C  N N 113 
GLU CG   C  N N 114 
GLU CD   C  N N 115 
GLU OE1  O  N N 116 
GLU OE2  O  N N 117 
GLU OXT  O  N N 118 
GLU H    H  N N 119 
GLU H2   H  N N 120 
GLU HA   H  N N 121 
GLU HB2  H  N N 122 
GLU HB3  H  N N 123 
GLU HG2  H  N N 124 
GLU HG3  H  N N 125 
GLU HE2  H  N N 126 
GLU HXT  H  N N 127 
GLY N    N  N N 128 
GLY CA   C  N N 129 
GLY C    C  N N 130 
GLY O    O  N N 131 
GLY OXT  O  N N 132 
GLY H    H  N N 133 
GLY H2   H  N N 134 
GLY HA2  H  N N 135 
GLY HA3  H  N N 136 
GLY HXT  H  N N 137 
HIS N    N  N N 138 
HIS CA   C  N S 139 
HIS C    C  N N 140 
HIS O    O  N N 141 
HIS CB   C  N N 142 
HIS CG   C  Y N 143 
HIS ND1  N  Y N 144 
HIS CD2  C  Y N 145 
HIS CE1  C  Y N 146 
HIS NE2  N  Y N 147 
HIS OXT  O  N N 148 
HIS H    H  N N 149 
HIS H2   H  N N 150 
HIS HA   H  N N 151 
HIS HB2  H  N N 152 
HIS HB3  H  N N 153 
HIS HD1  H  N N 154 
HIS HD2  H  N N 155 
HIS HE1  H  N N 156 
HIS HE2  H  N N 157 
HIS HXT  H  N N 158 
HOH O    O  N N 159 
HOH H1   H  N N 160 
HOH H2   H  N N 161 
ILE N    N  N N 162 
ILE CA   C  N S 163 
ILE C    C  N N 164 
ILE O    O  N N 165 
ILE CB   C  N S 166 
ILE CG1  C  N N 167 
ILE CG2  C  N N 168 
ILE CD1  C  N N 169 
ILE OXT  O  N N 170 
ILE H    H  N N 171 
ILE H2   H  N N 172 
ILE HA   H  N N 173 
ILE HB   H  N N 174 
ILE HG12 H  N N 175 
ILE HG13 H  N N 176 
ILE HG21 H  N N 177 
ILE HG22 H  N N 178 
ILE HG23 H  N N 179 
ILE HD11 H  N N 180 
ILE HD12 H  N N 181 
ILE HD13 H  N N 182 
ILE HXT  H  N N 183 
LEU N    N  N N 184 
LEU CA   C  N S 185 
LEU C    C  N N 186 
LEU O    O  N N 187 
LEU CB   C  N N 188 
LEU CG   C  N N 189 
LEU CD1  C  N N 190 
LEU CD2  C  N N 191 
LEU OXT  O  N N 192 
LEU H    H  N N 193 
LEU H2   H  N N 194 
LEU HA   H  N N 195 
LEU HB2  H  N N 196 
LEU HB3  H  N N 197 
LEU HG   H  N N 198 
LEU HD11 H  N N 199 
LEU HD12 H  N N 200 
LEU HD13 H  N N 201 
LEU HD21 H  N N 202 
LEU HD22 H  N N 203 
LEU HD23 H  N N 204 
LEU HXT  H  N N 205 
LYS N    N  N N 206 
LYS CA   C  N S 207 
LYS C    C  N N 208 
LYS O    O  N N 209 
LYS CB   C  N N 210 
LYS CG   C  N N 211 
LYS CD   C  N N 212 
LYS CE   C  N N 213 
LYS NZ   N  N N 214 
LYS OXT  O  N N 215 
LYS H    H  N N 216 
LYS H2   H  N N 217 
LYS HA   H  N N 218 
LYS HB2  H  N N 219 
LYS HB3  H  N N 220 
LYS HG2  H  N N 221 
LYS HG3  H  N N 222 
LYS HD2  H  N N 223 
LYS HD3  H  N N 224 
LYS HE2  H  N N 225 
LYS HE3  H  N N 226 
LYS HZ1  H  N N 227 
LYS HZ2  H  N N 228 
LYS HZ3  H  N N 229 
LYS HXT  H  N N 230 
MET N    N  N N 231 
MET CA   C  N S 232 
MET C    C  N N 233 
MET O    O  N N 234 
MET CB   C  N N 235 
MET CG   C  N N 236 
MET SD   S  N N 237 
MET CE   C  N N 238 
MET OXT  O  N N 239 
MET H    H  N N 240 
MET H2   H  N N 241 
MET HA   H  N N 242 
MET HB2  H  N N 243 
MET HB3  H  N N 244 
MET HG2  H  N N 245 
MET HG3  H  N N 246 
MET HE1  H  N N 247 
MET HE2  H  N N 248 
MET HE3  H  N N 249 
MET HXT  H  N N 250 
PHE N    N  N N 251 
PHE CA   C  N S 252 
PHE C    C  N N 253 
PHE O    O  N N 254 
PHE CB   C  N N 255 
PHE CG   C  Y N 256 
PHE CD1  C  Y N 257 
PHE CD2  C  Y N 258 
PHE CE1  C  Y N 259 
PHE CE2  C  Y N 260 
PHE CZ   C  Y N 261 
PHE OXT  O  N N 262 
PHE H    H  N N 263 
PHE H2   H  N N 264 
PHE HA   H  N N 265 
PHE HB2  H  N N 266 
PHE HB3  H  N N 267 
PHE HD1  H  N N 268 
PHE HD2  H  N N 269 
PHE HE1  H  N N 270 
PHE HE2  H  N N 271 
PHE HZ   H  N N 272 
PHE HXT  H  N N 273 
PRO N    N  N N 274 
PRO CA   C  N S 275 
PRO C    C  N N 276 
PRO O    O  N N 277 
PRO CB   C  N N 278 
PRO CG   C  N N 279 
PRO CD   C  N N 280 
PRO OXT  O  N N 281 
PRO H    H  N N 282 
PRO HA   H  N N 283 
PRO HB2  H  N N 284 
PRO HB3  H  N N 285 
PRO HG2  H  N N 286 
PRO HG3  H  N N 287 
PRO HD2  H  N N 288 
PRO HD3  H  N N 289 
PRO HXT  H  N N 290 
SER N    N  N N 291 
SER CA   C  N S 292 
SER C    C  N N 293 
SER O    O  N N 294 
SER CB   C  N N 295 
SER OG   O  N N 296 
SER OXT  O  N N 297 
SER H    H  N N 298 
SER H2   H  N N 299 
SER HA   H  N N 300 
SER HB2  H  N N 301 
SER HB3  H  N N 302 
SER HG   H  N N 303 
SER HXT  H  N N 304 
THR N    N  N N 305 
THR CA   C  N S 306 
THR C    C  N N 307 
THR O    O  N N 308 
THR CB   C  N R 309 
THR OG1  O  N N 310 
THR CG2  C  N N 311 
THR OXT  O  N N 312 
THR H    H  N N 313 
THR H2   H  N N 314 
THR HA   H  N N 315 
THR HB   H  N N 316 
THR HG1  H  N N 317 
THR HG21 H  N N 318 
THR HG22 H  N N 319 
THR HG23 H  N N 320 
THR HXT  H  N N 321 
TRP N    N  N N 322 
TRP CA   C  N S 323 
TRP C    C  N N 324 
TRP O    O  N N 325 
TRP CB   C  N N 326 
TRP CG   C  Y N 327 
TRP CD1  C  Y N 328 
TRP CD2  C  Y N 329 
TRP NE1  N  Y N 330 
TRP CE2  C  Y N 331 
TRP CE3  C  Y N 332 
TRP CZ2  C  Y N 333 
TRP CZ3  C  Y N 334 
TRP CH2  C  Y N 335 
TRP OXT  O  N N 336 
TRP H    H  N N 337 
TRP H2   H  N N 338 
TRP HA   H  N N 339 
TRP HB2  H  N N 340 
TRP HB3  H  N N 341 
TRP HD1  H  N N 342 
TRP HE1  H  N N 343 
TRP HE3  H  N N 344 
TRP HZ2  H  N N 345 
TRP HZ3  H  N N 346 
TRP HH2  H  N N 347 
TRP HXT  H  N N 348 
TYR N    N  N N 349 
TYR CA   C  N S 350 
TYR C    C  N N 351 
TYR O    O  N N 352 
TYR CB   C  N N 353 
TYR CG   C  Y N 354 
TYR CD1  C  Y N 355 
TYR CD2  C  Y N 356 
TYR CE1  C  Y N 357 
TYR CE2  C  Y N 358 
TYR CZ   C  Y N 359 
TYR OH   O  N N 360 
TYR OXT  O  N N 361 
TYR H    H  N N 362 
TYR H2   H  N N 363 
TYR HA   H  N N 364 
TYR HB2  H  N N 365 
TYR HB3  H  N N 366 
TYR HD1  H  N N 367 
TYR HD2  H  N N 368 
TYR HE1  H  N N 369 
TYR HE2  H  N N 370 
TYR HH   H  N N 371 
TYR HXT  H  N N 372 
# 
loop_
_chem_comp_bond.comp_id 
_chem_comp_bond.atom_id_1 
_chem_comp_bond.atom_id_2 
_chem_comp_bond.value_order 
_chem_comp_bond.pdbx_aromatic_flag 
_chem_comp_bond.pdbx_stereo_config 
_chem_comp_bond.pdbx_ordinal 
ALA N   CA   sing N N 1   
ALA N   H    sing N N 2   
ALA N   H2   sing N N 3   
ALA CA  C    sing N N 4   
ALA CA  CB   sing N N 5   
ALA CA  HA   sing N N 6   
ALA C   O    doub N N 7   
ALA C   OXT  sing N N 8   
ALA CB  HB1  sing N N 9   
ALA CB  HB2  sing N N 10  
ALA CB  HB3  sing N N 11  
ALA OXT HXT  sing N N 12  
ARG N   CA   sing N N 13  
ARG N   H    sing N N 14  
ARG N   H2   sing N N 15  
ARG CA  C    sing N N 16  
ARG CA  CB   sing N N 17  
ARG CA  HA   sing N N 18  
ARG C   O    doub N N 19  
ARG C   OXT  sing N N 20  
ARG CB  CG   sing N N 21  
ARG CB  HB2  sing N N 22  
ARG CB  HB3  sing N N 23  
ARG CG  CD   sing N N 24  
ARG CG  HG2  sing N N 25  
ARG CG  HG3  sing N N 26  
ARG CD  NE   sing N N 27  
ARG CD  HD2  sing N N 28  
ARG CD  HD3  sing N N 29  
ARG NE  CZ   sing N N 30  
ARG NE  HE   sing N N 31  
ARG CZ  NH1  sing N N 32  
ARG CZ  NH2  doub N N 33  
ARG NH1 HH11 sing N N 34  
ARG NH1 HH12 sing N N 35  
ARG NH2 HH21 sing N N 36  
ARG NH2 HH22 sing N N 37  
ARG OXT HXT  sing N N 38  
ASN N   CA   sing N N 39  
ASN N   H    sing N N 40  
ASN N   H2   sing N N 41  
ASN CA  C    sing N N 42  
ASN CA  CB   sing N N 43  
ASN CA  HA   sing N N 44  
ASN C   O    doub N N 45  
ASN C   OXT  sing N N 46  
ASN CB  CG   sing N N 47  
ASN CB  HB2  sing N N 48  
ASN CB  HB3  sing N N 49  
ASN CG  OD1  doub N N 50  
ASN CG  ND2  sing N N 51  
ASN ND2 HD21 sing N N 52  
ASN ND2 HD22 sing N N 53  
ASN OXT HXT  sing N N 54  
ASP N   CA   sing N N 55  
ASP N   H    sing N N 56  
ASP N   H2   sing N N 57  
ASP CA  C    sing N N 58  
ASP CA  CB   sing N N 59  
ASP CA  HA   sing N N 60  
ASP C   O    doub N N 61  
ASP C   OXT  sing N N 62  
ASP CB  CG   sing N N 63  
ASP CB  HB2  sing N N 64  
ASP CB  HB3  sing N N 65  
ASP CG  OD1  doub N N 66  
ASP CG  OD2  sing N N 67  
ASP OD2 HD2  sing N N 68  
ASP OXT HXT  sing N N 69  
CYS N   CA   sing N N 70  
CYS N   H    sing N N 71  
CYS N   H2   sing N N 72  
CYS CA  C    sing N N 73  
CYS CA  CB   sing N N 74  
CYS CA  HA   sing N N 75  
CYS C   O    doub N N 76  
CYS C   OXT  sing N N 77  
CYS CB  SG   sing N N 78  
CYS CB  HB2  sing N N 79  
CYS CB  HB3  sing N N 80  
CYS SG  HG   sing N N 81  
CYS OXT HXT  sing N N 82  
GLN N   CA   sing N N 83  
GLN N   H    sing N N 84  
GLN N   H2   sing N N 85  
GLN CA  C    sing N N 86  
GLN CA  CB   sing N N 87  
GLN CA  HA   sing N N 88  
GLN C   O    doub N N 89  
GLN C   OXT  sing N N 90  
GLN CB  CG   sing N N 91  
GLN CB  HB2  sing N N 92  
GLN CB  HB3  sing N N 93  
GLN CG  CD   sing N N 94  
GLN CG  HG2  sing N N 95  
GLN CG  HG3  sing N N 96  
GLN CD  OE1  doub N N 97  
GLN CD  NE2  sing N N 98  
GLN NE2 HE21 sing N N 99  
GLN NE2 HE22 sing N N 100 
GLN OXT HXT  sing N N 101 
GLU N   CA   sing N N 102 
GLU N   H    sing N N 103 
GLU N   H2   sing N N 104 
GLU CA  C    sing N N 105 
GLU CA  CB   sing N N 106 
GLU CA  HA   sing N N 107 
GLU C   O    doub N N 108 
GLU C   OXT  sing N N 109 
GLU CB  CG   sing N N 110 
GLU CB  HB2  sing N N 111 
GLU CB  HB3  sing N N 112 
GLU CG  CD   sing N N 113 
GLU CG  HG2  sing N N 114 
GLU CG  HG3  sing N N 115 
GLU CD  OE1  doub N N 116 
GLU CD  OE2  sing N N 117 
GLU OE2 HE2  sing N N 118 
GLU OXT HXT  sing N N 119 
GLY N   CA   sing N N 120 
GLY N   H    sing N N 121 
GLY N   H2   sing N N 122 
GLY CA  C    sing N N 123 
GLY CA  HA2  sing N N 124 
GLY CA  HA3  sing N N 125 
GLY C   O    doub N N 126 
GLY C   OXT  sing N N 127 
GLY OXT HXT  sing N N 128 
HIS N   CA   sing N N 129 
HIS N   H    sing N N 130 
HIS N   H2   sing N N 131 
HIS CA  C    sing N N 132 
HIS CA  CB   sing N N 133 
HIS CA  HA   sing N N 134 
HIS C   O    doub N N 135 
HIS C   OXT  sing N N 136 
HIS CB  CG   sing N N 137 
HIS CB  HB2  sing N N 138 
HIS CB  HB3  sing N N 139 
HIS CG  ND1  sing Y N 140 
HIS CG  CD2  doub Y N 141 
HIS ND1 CE1  doub Y N 142 
HIS ND1 HD1  sing N N 143 
HIS CD2 NE2  sing Y N 144 
HIS CD2 HD2  sing N N 145 
HIS CE1 NE2  sing Y N 146 
HIS CE1 HE1  sing N N 147 
HIS NE2 HE2  sing N N 148 
HIS OXT HXT  sing N N 149 
HOH O   H1   sing N N 150 
HOH O   H2   sing N N 151 
ILE N   CA   sing N N 152 
ILE N   H    sing N N 153 
ILE N   H2   sing N N 154 
ILE CA  C    sing N N 155 
ILE CA  CB   sing N N 156 
ILE CA  HA   sing N N 157 
ILE C   O    doub N N 158 
ILE C   OXT  sing N N 159 
ILE CB  CG1  sing N N 160 
ILE CB  CG2  sing N N 161 
ILE CB  HB   sing N N 162 
ILE CG1 CD1  sing N N 163 
ILE CG1 HG12 sing N N 164 
ILE CG1 HG13 sing N N 165 
ILE CG2 HG21 sing N N 166 
ILE CG2 HG22 sing N N 167 
ILE CG2 HG23 sing N N 168 
ILE CD1 HD11 sing N N 169 
ILE CD1 HD12 sing N N 170 
ILE CD1 HD13 sing N N 171 
ILE OXT HXT  sing N N 172 
LEU N   CA   sing N N 173 
LEU N   H    sing N N 174 
LEU N   H2   sing N N 175 
LEU CA  C    sing N N 176 
LEU CA  CB   sing N N 177 
LEU CA  HA   sing N N 178 
LEU C   O    doub N N 179 
LEU C   OXT  sing N N 180 
LEU CB  CG   sing N N 181 
LEU CB  HB2  sing N N 182 
LEU CB  HB3  sing N N 183 
LEU CG  CD1  sing N N 184 
LEU CG  CD2  sing N N 185 
LEU CG  HG   sing N N 186 
LEU CD1 HD11 sing N N 187 
LEU CD1 HD12 sing N N 188 
LEU CD1 HD13 sing N N 189 
LEU CD2 HD21 sing N N 190 
LEU CD2 HD22 sing N N 191 
LEU CD2 HD23 sing N N 192 
LEU OXT HXT  sing N N 193 
LYS N   CA   sing N N 194 
LYS N   H    sing N N 195 
LYS N   H2   sing N N 196 
LYS CA  C    sing N N 197 
LYS CA  CB   sing N N 198 
LYS CA  HA   sing N N 199 
LYS C   O    doub N N 200 
LYS C   OXT  sing N N 201 
LYS CB  CG   sing N N 202 
LYS CB  HB2  sing N N 203 
LYS CB  HB3  sing N N 204 
LYS CG  CD   sing N N 205 
LYS CG  HG2  sing N N 206 
LYS CG  HG3  sing N N 207 
LYS CD  CE   sing N N 208 
LYS CD  HD2  sing N N 209 
LYS CD  HD3  sing N N 210 
LYS CE  NZ   sing N N 211 
LYS CE  HE2  sing N N 212 
LYS CE  HE3  sing N N 213 
LYS NZ  HZ1  sing N N 214 
LYS NZ  HZ2  sing N N 215 
LYS NZ  HZ3  sing N N 216 
LYS OXT HXT  sing N N 217 
MET N   CA   sing N N 218 
MET N   H    sing N N 219 
MET N   H2   sing N N 220 
MET CA  C    sing N N 221 
MET CA  CB   sing N N 222 
MET CA  HA   sing N N 223 
MET C   O    doub N N 224 
MET C   OXT  sing N N 225 
MET CB  CG   sing N N 226 
MET CB  HB2  sing N N 227 
MET CB  HB3  sing N N 228 
MET CG  SD   sing N N 229 
MET CG  HG2  sing N N 230 
MET CG  HG3  sing N N 231 
MET SD  CE   sing N N 232 
MET CE  HE1  sing N N 233 
MET CE  HE2  sing N N 234 
MET CE  HE3  sing N N 235 
MET OXT HXT  sing N N 236 
PHE N   CA   sing N N 237 
PHE N   H    sing N N 238 
PHE N   H2   sing N N 239 
PHE CA  C    sing N N 240 
PHE CA  CB   sing N N 241 
PHE CA  HA   sing N N 242 
PHE C   O    doub N N 243 
PHE C   OXT  sing N N 244 
PHE CB  CG   sing N N 245 
PHE CB  HB2  sing N N 246 
PHE CB  HB3  sing N N 247 
PHE CG  CD1  doub Y N 248 
PHE CG  CD2  sing Y N 249 
PHE CD1 CE1  sing Y N 250 
PHE CD1 HD1  sing N N 251 
PHE CD2 CE2  doub Y N 252 
PHE CD2 HD2  sing N N 253 
PHE CE1 CZ   doub Y N 254 
PHE CE1 HE1  sing N N 255 
PHE CE2 CZ   sing Y N 256 
PHE CE2 HE2  sing N N 257 
PHE CZ  HZ   sing N N 258 
PHE OXT HXT  sing N N 259 
PRO N   CA   sing N N 260 
PRO N   CD   sing N N 261 
PRO N   H    sing N N 262 
PRO CA  C    sing N N 263 
PRO CA  CB   sing N N 264 
PRO CA  HA   sing N N 265 
PRO C   O    doub N N 266 
PRO C   OXT  sing N N 267 
PRO CB  CG   sing N N 268 
PRO CB  HB2  sing N N 269 
PRO CB  HB3  sing N N 270 
PRO CG  CD   sing N N 271 
PRO CG  HG2  sing N N 272 
PRO CG  HG3  sing N N 273 
PRO CD  HD2  sing N N 274 
PRO CD  HD3  sing N N 275 
PRO OXT HXT  sing N N 276 
SER N   CA   sing N N 277 
SER N   H    sing N N 278 
SER N   H2   sing N N 279 
SER CA  C    sing N N 280 
SER CA  CB   sing N N 281 
SER CA  HA   sing N N 282 
SER C   O    doub N N 283 
SER C   OXT  sing N N 284 
SER CB  OG   sing N N 285 
SER CB  HB2  sing N N 286 
SER CB  HB3  sing N N 287 
SER OG  HG   sing N N 288 
SER OXT HXT  sing N N 289 
THR N   CA   sing N N 290 
THR N   H    sing N N 291 
THR N   H2   sing N N 292 
THR CA  C    sing N N 293 
THR CA  CB   sing N N 294 
THR CA  HA   sing N N 295 
THR C   O    doub N N 296 
THR C   OXT  sing N N 297 
THR CB  OG1  sing N N 298 
THR CB  CG2  sing N N 299 
THR CB  HB   sing N N 300 
THR OG1 HG1  sing N N 301 
THR CG2 HG21 sing N N 302 
THR CG2 HG22 sing N N 303 
THR CG2 HG23 sing N N 304 
THR OXT HXT  sing N N 305 
TRP N   CA   sing N N 306 
TRP N   H    sing N N 307 
TRP N   H2   sing N N 308 
TRP CA  C    sing N N 309 
TRP CA  CB   sing N N 310 
TRP CA  HA   sing N N 311 
TRP C   O    doub N N 312 
TRP C   OXT  sing N N 313 
TRP CB  CG   sing N N 314 
TRP CB  HB2  sing N N 315 
TRP CB  HB3  sing N N 316 
TRP CG  CD1  doub Y N 317 
TRP CG  CD2  sing Y N 318 
TRP CD1 NE1  sing Y N 319 
TRP CD1 HD1  sing N N 320 
TRP CD2 CE2  doub Y N 321 
TRP CD2 CE3  sing Y N 322 
TRP NE1 CE2  sing Y N 323 
TRP NE1 HE1  sing N N 324 
TRP CE2 CZ2  sing Y N 325 
TRP CE3 CZ3  doub Y N 326 
TRP CE3 HE3  sing N N 327 
TRP CZ2 CH2  doub Y N 328 
TRP CZ2 HZ2  sing N N 329 
TRP CZ3 CH2  sing Y N 330 
TRP CZ3 HZ3  sing N N 331 
TRP CH2 HH2  sing N N 332 
TRP OXT HXT  sing N N 333 
TYR N   CA   sing N N 334 
TYR N   H    sing N N 335 
TYR N   H2   sing N N 336 
TYR CA  C    sing N N 337 
TYR CA  CB   sing N N 338 
TYR CA  HA   sing N N 339 
TYR C   O    doub N N 340 
TYR C   OXT  sing N N 341 
TYR CB  CG   sing N N 342 
TYR CB  HB2  sing N N 343 
TYR CB  HB3  sing N N 344 
TYR CG  CD1  doub Y N 345 
TYR CG  CD2  sing Y N 346 
TYR CD1 CE1  sing Y N 347 
TYR CD1 HD1  sing N N 348 
TYR CD2 CE2  doub Y N 349 
TYR CD2 HD2  sing N N 350 
TYR CE1 CZ   doub Y N 351 
TYR CE1 HE1  sing N N 352 
TYR CE2 CZ   sing Y N 353 
TYR CE2 HE2  sing N N 354 
TYR CZ  OH   sing N N 355 
TYR OH  HH   sing N N 356 
TYR OXT HXT  sing N N 357 
# 
_atom_sites.entry_id                    3FBL 
_atom_sites.fract_transf_matrix[1][1]   0.03334070 
_atom_sites.fract_transf_matrix[1][2]   0.00388335 
_atom_sites.fract_transf_matrix[1][3]   -0.01082681 
_atom_sites.fract_transf_matrix[2][1]   0.00315822 
_atom_sites.fract_transf_matrix[2][2]   -0.02065061 
_atom_sites.fract_transf_matrix[2][3]   0.00231865 
_atom_sites.fract_transf_matrix[3][1]   -0.00481792 
_atom_sites.fract_transf_matrix[3][2]   -0.00250351 
_atom_sites.fract_transf_matrix[3][3]   -0.01573455 
_atom_sites.fract_transf_vector[1]      0.768255 
_atom_sites.fract_transf_vector[2]      0.090744 
_atom_sites.fract_transf_vector[3]      0.164781 
# 
loop_
_atom_type.symbol 
C  
CL 
N  
O  
S  
# 
loop_
_atom_site.group_PDB 
_atom_site.id 
_atom_site.type_symbol 
_atom_site.label_atom_id 
_atom_site.label_alt_id 
_atom_site.label_comp_id 
_atom_site.label_asym_id 
_atom_site.label_entity_id 
_atom_site.label_seq_id 
_atom_site.pdbx_PDB_ins_code 
_atom_site.Cartn_x 
_atom_site.Cartn_y 
_atom_site.Cartn_z 
_atom_site.occupancy 
_atom_site.B_iso_or_equiv 
_atom_site.pdbx_formal_charge 
_atom_site.auth_seq_id 
_atom_site.auth_comp_id 
_atom_site.auth_asym_id 
_atom_site.auth_atom_id 
_atom_site.pdbx_PDB_model_num 
ATOM   1   N  N   . TYR A 1 1  ? 9.003   8.154   5.399   1.00 21.23 ? 51  TYR A N   1 
ATOM   2   C  CA  . TYR A 1 1  ? 9.100   7.272   4.208   1.00 20.14 ? 51  TYR A CA  1 
ATOM   3   C  C   . TYR A 1 1  ? 9.034   8.130   2.940   1.00 19.59 ? 51  TYR A C   1 
ATOM   4   O  O   . TYR A 1 1  ? 8.098   8.024   2.143   1.00 18.59 ? 51  TYR A O   1 
ATOM   5   C  CB  . TYR A 1 1  ? 7.961   6.274   4.220   1.00 21.15 ? 51  TYR A CB  1 
ATOM   6   C  CG  . TYR A 1 1  ? 7.951   5.311   5.386   1.00 21.79 ? 51  TYR A CG  1 
ATOM   7   C  CD1 . TYR A 1 1  ? 9.141   4.863   5.971   1.00 22.76 ? 51  TYR A CD1 1 
ATOM   8   C  CD2 . TYR A 1 1  ? 6.747   4.795   5.861   1.00 21.86 ? 51  TYR A CD2 1 
ATOM   9   C  CE1 . TYR A 1 1  ? 9.124   3.943   7.028   1.00 23.00 ? 51  TYR A CE1 1 
ATOM   10  C  CE2 . TYR A 1 1  ? 6.717   3.886   6.901   1.00 21.77 ? 51  TYR A CE2 1 
ATOM   11  C  CZ  . TYR A 1 1  ? 7.913   3.456   7.479   1.00 22.35 ? 51  TYR A CZ  1 
ATOM   12  O  OH  . TYR A 1 1  ? 7.882   2.555   8.516   1.00 21.79 ? 51  TYR A OH  1 
ATOM   13  N  N   . HIS A 1 2  ? 10.032  8.995   2.784   1.00 18.43 ? 52  HIS A N   1 
ATOM   14  C  CA  . HIS A 1 2  ? 10.052  10.000  1.721   1.00 17.46 ? 52  HIS A CA  1 
ATOM   15  C  C   . HIS A 1 2  ? 10.052  9.368   0.339   1.00 15.91 ? 52  HIS A C   1 
ATOM   16  O  O   . HIS A 1 2  ? 9.339   9.829   -0.550  1.00 15.07 ? 52  HIS A O   1 
ATOM   17  C  CB  . HIS A 1 2  ? 11.261  10.930  1.891   1.00 18.26 ? 52  HIS A CB  1 
ATOM   18  C  CG  . HIS A 1 2  ? 11.203  11.767  3.133   0.70 20.32 ? 52  HIS A CG  1 
ATOM   19  N  ND1 . HIS A 1 2  ? 10.236  12.728  3.340   0.70 23.68 ? 52  HIS A ND1 1 
ATOM   20  C  CD2 . HIS A 1 2  ? 11.989  11.784  4.236   0.70 23.39 ? 52  HIS A CD2 1 
ATOM   21  C  CE1 . HIS A 1 2  ? 10.428  13.301  4.515   0.70 24.67 ? 52  HIS A CE1 1 
ATOM   22  N  NE2 . HIS A 1 2  ? 11.485  12.745  5.080   0.70 24.62 ? 52  HIS A NE2 1 
ATOM   23  N  N   . LYS A 1 3  ? 10.847  8.312   0.180   1.00 13.75 ? 53  LYS A N   1 
ATOM   24  C  CA  . LYS A 1 3  ? 10.940  7.589   -1.079  1.00 13.06 ? 53  LYS A CA  1 
ATOM   25  C  C   . LYS A 1 3  ? 9.651   6.855   -1.423  1.00 10.75 ? 53  LYS A C   1 
ATOM   26  O  O   . LYS A 1 3  ? 9.199   6.885   -2.570  1.00 9.72  ? 53  LYS A O   1 
ATOM   27  C  CB  . LYS A 1 3  ? 12.113  6.630   -1.037  1.00 13.85 ? 53  LYS A CB  1 
ATOM   28  C  CG  . LYS A 1 3  ? 13.447  7.375   -1.090  1.00 17.91 ? 53  LYS A CG  1 
ATOM   29  C  CD  . LYS A 1 3  ? 14.624  6.412   -1.086  1.00 23.69 ? 53  LYS A CD  1 
ATOM   30  C  CE  . LYS A 1 3  ? 14.953  5.961   0.332   1.00 26.14 ? 53  LYS A CE  1 
ATOM   31  N  NZ  . LYS A 1 3  ? 16.199  5.159   0.316   1.00 27.82 ? 53  LYS A NZ  1 
ATOM   32  N  N   . LEU A 1 4  ? 9.050   6.219   -0.424  1.00 8.65  ? 54  LEU A N   1 
ATOM   33  C  CA  . LEU A 1 4  ? 7.753   5.591   -0.616  1.00 7.62  ? 54  LEU A CA  1 
ATOM   34  C  C   . LEU A 1 4  ? 6.682   6.599   -1.082  1.00 7.32  ? 54  LEU A C   1 
ATOM   35  O  O   . LEU A 1 4  ? 5.994   6.341   -2.070  1.00 6.13  ? 54  LEU A O   1 
ATOM   36  C  CB  . LEU A 1 4  ? 7.289   4.873   0.660   1.00 7.79  ? 54  LEU A CB  1 
ATOM   37  C  CG  . LEU A 1 4  ? 5.946   4.144   0.472   1.00 8.59  ? 54  LEU A CG  1 
ATOM   38  C  CD1 . LEU A 1 4  ? 6.040   3.020   -0.596  1.00 10.53 ? 54  LEU A CD1 1 
ATOM   39  C  CD2 . LEU A 1 4  ? 5.460   3.594   1.785   1.00 7.65  ? 54  LEU A CD2 1 
ATOM   40  N  N   . ARG A 1 5  ? 6.564   7.735   -0.383  1.00 7.12  ? 55  ARG A N   1 
ATOM   41  C  CA  A ARG A 1 5  ? 5.567   8.756   -0.729  0.50 7.81  ? 55  ARG A CA  1 
ATOM   42  C  CA  B ARG A 1 5  ? 5.584   8.771   -0.732  0.50 7.46  ? 55  ARG A CA  1 
ATOM   43  C  C   . ARG A 1 5  ? 5.708   9.199   -2.185  1.00 7.50  ? 55  ARG A C   1 
ATOM   44  O  O   . ARG A 1 5  ? 4.711   9.353   -2.880  1.00 7.15  ? 55  ARG A O   1 
ATOM   45  C  CB  A ARG A 1 5  ? 5.641   9.960   0.222   0.50 7.86  ? 55  ARG A CB  1 
ATOM   46  C  CB  B ARG A 1 5  ? 5.749   9.999   0.157   0.50 7.76  ? 55  ARG A CB  1 
ATOM   47  C  CG  A ARG A 1 5  ? 4.618   11.064  -0.071  0.50 9.03  ? 55  ARG A CG  1 
ATOM   48  C  CG  B ARG A 1 5  ? 5.459   9.756   1.613   0.50 9.02  ? 55  ARG A CG  1 
ATOM   49  C  CD  A ARG A 1 5  ? 4.757   12.265  0.879   0.50 10.51 ? 55  ARG A CD  1 
ATOM   50  C  CD  B ARG A 1 5  ? 5.547   11.049  2.414   0.50 11.55 ? 55  ARG A CD  1 
ATOM   51  N  NE  A ARG A 1 5  ? 4.306   13.512  0.249   0.50 15.60 ? 55  ARG A NE  1 
ATOM   52  N  NE  B ARG A 1 5  ? 4.537   12.024  2.026   0.50 12.37 ? 55  ARG A NE  1 
ATOM   53  C  CZ  A ARG A 1 5  ? 3.074   14.020  0.343   0.50 17.60 ? 55  ARG A CZ  1 
ATOM   54  C  CZ  B ARG A 1 5  ? 3.496   12.386  2.774   0.50 13.82 ? 55  ARG A CZ  1 
ATOM   55  N  NH1 A ARG A 1 5  ? 2.770   15.160  -0.272  0.50 18.43 ? 55  ARG A NH1 1 
ATOM   56  N  NH1 B ARG A 1 5  ? 2.653   13.300  2.312   0.50 14.69 ? 55  ARG A NH1 1 
ATOM   57  N  NH2 A ARG A 1 5  ? 2.141   13.400  1.048   0.50 17.95 ? 55  ARG A NH2 1 
ATOM   58  N  NH2 B ARG A 1 5  ? 3.293   11.851  3.973   0.50 12.73 ? 55  ARG A NH2 1 
ATOM   59  N  N   . LEU A 1 6  ? 6.952   9.405   -2.631  1.00 6.71  ? 56  LEU A N   1 
ATOM   60  C  CA  . LEU A 1 6  ? 7.219   9.741   -4.024  1.00 6.07  ? 56  LEU A CA  1 
ATOM   61  C  C   . LEU A 1 6  ? 6.766   8.632   -4.978  1.00 5.22  ? 56  LEU A C   1 
ATOM   62  O  O   . LEU A 1 6  ? 6.118   8.895   -5.994  1.00 4.55  ? 56  LEU A O   1 
ATOM   63  C  CB  . LEU A 1 6  ? 8.708   10.032  -4.222  1.00 6.66  ? 56  LEU A CB  1 
ATOM   64  C  CG  . LEU A 1 6  ? 9.161   11.319  -3.536  1.00 8.30  ? 56  LEU A CG  1 
ATOM   65  C  CD1 . LEU A 1 6  ? 10.687  11.477  -3.598  1.00 10.08 ? 56  LEU A CD1 1 
ATOM   66  C  CD2 . LEU A 1 6  ? 8.453   12.489  -4.147  1.00 12.02 ? 56  LEU A CD2 1 
ATOM   67  N  N   . ALA A 1 7  ? 7.092   7.395   -4.641  1.00 4.19  ? 57  ALA A N   1 
ATOM   68  C  CA  . ALA A 1 7  ? 6.704   6.245   -5.469  1.00 4.25  ? 57  ALA A CA  1 
ATOM   69  C  C   . ALA A 1 7  ? 5.180   6.070   -5.555  1.00 4.28  ? 57  ALA A C   1 
ATOM   70  O  O   . ALA A 1 7  ? 4.653   5.699   -6.600  1.00 3.49  ? 57  ALA A O   1 
ATOM   71  C  CB  . ALA A 1 7  ? 7.336   4.987   -4.938  1.00 4.28  ? 57  ALA A CB  1 
ATOM   72  N  N   . ILE A 1 8  ? 4.490   6.296   -4.439  1.00 3.37  ? 58  ILE A N   1 
ATOM   73  C  CA  . ILE A 1 8  ? 3.031   6.206   -4.425  1.00 4.16  ? 58  ILE A CA  1 
ATOM   74  C  C   . ILE A 1 8  ? 2.402   7.260   -5.323  1.00 4.42  ? 58  ILE A C   1 
ATOM   75  O  O   . ILE A 1 8  ? 1.451   6.965   -6.043  1.00 5.27  ? 58  ILE A O   1 
ATOM   76  C  CB  . ILE A 1 8  ? 2.461   6.288   -2.978  1.00 4.24  ? 58  ILE A CB  1 
ATOM   77  C  CG1 . ILE A 1 8  ? 2.906   5.047   -2.185  1.00 2.92  ? 58  ILE A CG1 1 
ATOM   78  C  CG2 . ILE A 1 8  ? 0.928   6.427   -3.001  1.00 3.29  ? 58  ILE A CG2 1 
ATOM   79  C  CD1 . ILE A 1 8  ? 2.656   5.126   -0.703  1.00 4.11  ? 58  ILE A CD1 1 
ATOM   80  N  N   . LYS A 1 9  ? 2.939   8.479   -5.301  1.00 5.31  ? 59  LYS A N   1 
ATOM   81  C  CA  . LYS A 1 9  ? 2.440   9.524   -6.187  1.00 6.52  ? 59  LYS A CA  1 
ATOM   82  C  C   . LYS A 1 9  ? 2.586   9.126   -7.657  1.00 6.77  ? 59  LYS A C   1 
ATOM   83  O  O   . LYS A 1 9  ? 1.706   9.392   -8.468  1.00 6.41  ? 59  LYS A O   1 
ATOM   84  C  CB  . LYS A 1 9  ? 3.140   10.857  -5.923  1.00 7.25  ? 59  LYS A CB  1 
ATOM   85  C  CG  . LYS A 1 9  ? 2.751   11.504  -4.608  1.00 10.07 ? 59  LYS A CG  1 
ATOM   86  C  CD  . LYS A 1 9  ? 3.269   12.945  -4.540  1.00 15.34 ? 59  LYS A CD  1 
ATOM   87  C  CE  . LYS A 1 9  ? 3.214   13.443  -3.111  1.00 17.43 ? 59  LYS A CE  1 
ATOM   88  N  NZ  . LYS A 1 9  ? 3.399   14.930  -3.017  1.00 19.91 ? 59  LYS A NZ  1 
ATOM   89  N  N   . GLU A 1 10 ? 3.695   8.480   -7.999  1.00 6.89  ? 60  GLU A N   1 
ATOM   90  C  CA  . GLU A 1 10 ? 3.898   8.056   -9.382  1.00 7.63  ? 60  GLU A CA  1 
ATOM   91  C  C   . GLU A 1 10 ? 2.912   6.957   -9.772  1.00 6.53  ? 60  GLU A C   1 
ATOM   92  O  O   . GLU A 1 10 ? 2.418   6.924   -10.899 1.00 6.62  ? 60  GLU A O   1 
ATOM   93  C  CB  . GLU A 1 10 ? 5.342   7.614   -9.614  1.00 8.24  ? 60  GLU A CB  1 
ATOM   94  C  CG  . GLU A 1 10 ? 6.334   8.763   -9.497  1.00 11.64 ? 60  GLU A CG  1 
ATOM   95  C  CD  . GLU A 1 10 ? 5.945   9.995   -10.339 1.00 15.16 ? 60  GLU A CD  1 
ATOM   96  O  OE1 . GLU A 1 10 ? 5.718   9.863   -11.561 1.00 17.84 ? 60  GLU A OE1 1 
ATOM   97  O  OE2 . GLU A 1 10 ? 5.852   11.100  -9.767  1.00 18.67 ? 60  GLU A OE2 1 
ATOM   98  N  N   . ILE A 1 11 ? 2.640   6.050   -8.839  1.00 6.23  ? 61  ILE A N   1 
ATOM   99  C  CA  . ILE A 1 11 ? 1.612   5.016   -9.075  1.00 5.70  ? 61  ILE A CA  1 
ATOM   100 C  C   . ILE A 1 11 ? 0.262   5.700   -9.269  1.00 4.92  ? 61  ILE A C   1 
ATOM   101 O  O   . ILE A 1 11 ? -0.489  5.354   -10.187 1.00 4.89  ? 61  ILE A O   1 
ATOM   102 C  CB  . ILE A 1 11 ? 1.539   3.995   -7.912  1.00 5.89  ? 61  ILE A CB  1 
ATOM   103 C  CG1 . ILE A 1 11 ? 2.724   3.019   -7.980  1.00 5.88  ? 61  ILE A CG1 1 
ATOM   104 C  CG2 . ILE A 1 11 ? 0.201   3.236   -7.947  1.00 6.32  ? 61  ILE A CG2 1 
ATOM   105 C  CD1 . ILE A 1 11 ? 3.033   2.321   -6.646  1.00 6.08  ? 61  ILE A CD1 1 
ATOM   106 N  N   . CYS A 1 12 ? -0.053  6.673   -8.411  1.00 4.42  ? 62  CYS A N   1 
ATOM   107 C  CA  . CYS A 1 12 ? -1.304  7.430   -8.566  1.00 5.34  ? 62  CYS A CA  1 
ATOM   108 C  C   . CYS A 1 12 ? -1.421  8.124   -9.936  1.00 5.58  ? 62  CYS A C   1 
ATOM   109 O  O   . CYS A 1 12 ? -2.479  8.091   -10.566 1.00 5.29  ? 62  CYS A O   1 
ATOM   110 C  CB  . CYS A 1 12 ? -1.477  8.451   -7.434  1.00 5.14  ? 62  CYS A CB  1 
ATOM   111 S  SG  . CYS A 1 12 ? -1.890  7.671   -5.877  1.00 7.74  ? 62  CYS A SG  1 
ATOM   112 N  N   . LYS A 1 13 ? -0.344  8.754   -10.391 1.00 5.62  ? 63  LYS A N   1 
ATOM   113 C  CA  . LYS A 1 13 ? -0.348  9.356   -11.739 1.00 7.45  ? 63  LYS A CA  1 
ATOM   114 C  C   . LYS A 1 13 ? -0.587  8.339   -12.853 1.00 7.42  ? 63  LYS A C   1 
ATOM   115 O  O   . LYS A 1 13 ? -1.396  8.570   -13.738 1.00 7.67  ? 63  LYS A O   1 
ATOM   116 C  CB  . LYS A 1 13 ? 0.949   10.104  -12.014 1.00 6.87  ? 63  LYS A CB  1 
ATOM   117 C  CG  . LYS A 1 13 ? 1.174   11.314  -11.119 1.00 7.76  ? 63  LYS A CG  1 
ATOM   118 C  CD  . LYS A 1 13 ? 2.614   11.801  -11.289 1.00 12.39 ? 63  LYS A CD  1 
ATOM   119 C  CE  . LYS A 1 13 ? 2.965   12.813  -10.241 1.00 13.49 ? 63  LYS A CE  1 
ATOM   120 N  NZ  . LYS A 1 13 ? 4.278   13.420  -10.528 1.00 17.23 ? 63  LYS A NZ  1 
ATOM   121 N  N   . THR A 1 14 ? 0.113   7.206   -12.798 1.00 7.77  ? 64  THR A N   1 
ATOM   122 C  CA  . THR A 1 14 ? -0.034  6.142   -13.802 1.00 7.83  ? 64  THR A CA  1 
ATOM   123 C  C   . THR A 1 14 ? -1.446  5.590   -13.857 1.00 7.95  ? 64  THR A C   1 
ATOM   124 O  O   . THR A 1 14 ? -1.972  5.313   -14.940 1.00 7.56  ? 64  THR A O   1 
ATOM   125 C  CB  . THR A 1 14 ? 0.981   5.018   -13.553 1.00 7.84  ? 64  THR A CB  1 
ATOM   126 O  OG1 . THR A 1 14 ? 2.284   5.588   -13.671 1.00 8.04  ? 64  THR A OG1 1 
ATOM   127 C  CG2 . THR A 1 14 ? 0.830   3.856   -14.560 1.00 8.56  ? 64  THR A CG2 1 
ATOM   128 N  N   . ASP A 1 15 ? -2.070  5.455   -12.689 1.00 7.26  ? 65  ASP A N   1 
ATOM   129 C  CA  . ASP A 1 15 ? -3.412  4.907   -12.627 1.00 7.24  ? 65  ASP A CA  1 
ATOM   130 C  C   . ASP A 1 15 ? -4.533  5.959   -12.816 1.00 6.94  ? 65  ASP A C   1 
ATOM   131 O  O   . ASP A 1 15 ? -5.715  5.631   -12.726 1.00 7.66  ? 65  ASP A O   1 
ATOM   132 C  CB  . ASP A 1 15 ? -3.579  4.087   -11.337 1.00 7.15  ? 65  ASP A CB  1 
ATOM   133 C  CG  . ASP A 1 15 ? -2.851  2.739   -11.412 1.00 9.77  ? 65  ASP A CG  1 
ATOM   134 O  OD1 . ASP A 1 15 ? -2.174  2.468   -12.452 1.00 10.89 ? 65  ASP A OD1 1 
ATOM   135 O  OD2 . ASP A 1 15 ? -2.949  1.943   -10.445 1.00 9.38  ? 65  ASP A OD2 1 
ATOM   136 N  N   . GLY A 1 16 ? -4.151  7.204   -13.076 1.00 6.22  ? 66  GLY A N   1 
ATOM   137 C  CA  . GLY A 1 16 ? -5.105  8.299   -13.234 1.00 7.36  ? 66  GLY A CA  1 
ATOM   138 C  C   . GLY A 1 16 ? -5.990  8.525   -12.025 1.00 7.11  ? 66  GLY A C   1 
ATOM   139 O  O   . GLY A 1 16 ? -7.195  8.780   -12.160 1.00 8.25  ? 66  GLY A O   1 
ATOM   140 N  N   . ILE A 1 17 ? -5.412  8.390   -10.835 1.00 6.17  ? 67  ILE A N   1 
ATOM   141 C  CA  . ILE A 1 17 ? -6.145  8.652   -9.592  1.00 5.44  ? 67  ILE A CA  1 
ATOM   142 C  C   . ILE A 1 17 ? -6.456  10.149  -9.438  1.00 4.67  ? 67  ILE A C   1 
ATOM   143 O  O   . ILE A 1 17 ? -5.583  10.985  -9.632  1.00 4.03  ? 67  ILE A O   1 
ATOM   144 C  CB  . ILE A 1 17 ? -5.363  8.148   -8.365  1.00 5.07  ? 67  ILE A CB  1 
ATOM   145 C  CG1 . ILE A 1 17 ? -4.960  6.670   -8.574  1.00 5.74  ? 67  ILE A CG1 1 
ATOM   146 C  CG2 . ILE A 1 17 ? -6.178  8.398   -7.081  1.00 4.42  ? 67  ILE A CG2 1 
ATOM   147 C  CD1 . ILE A 1 17 ? -6.103  5.671   -8.576  1.00 7.18  ? 67  ILE A CD1 1 
ATOM   148 N  N   . PRO A 1 18 ? -7.721  10.487  -9.142  1.00 5.01  ? 68  PRO A N   1 
ATOM   149 C  CA  . PRO A 1 18 ? -8.074  11.895  -8.890  1.00 5.23  ? 68  PRO A CA  1 
ATOM   150 C  C   . PRO A 1 18 ? -7.200  12.426  -7.771  1.00 4.51  ? 68  PRO A C   1 
ATOM   151 O  O   . PRO A 1 18 ? -7.032  11.737  -6.770  1.00 5.21  ? 68  PRO A O   1 
ATOM   152 C  CB  . PRO A 1 18 ? -9.522  11.808  -8.413  1.00 4.11  ? 68  PRO A CB  1 
ATOM   153 C  CG  . PRO A 1 18 ? -10.066 10.587  -9.087  1.00 5.48  ? 68  PRO A CG  1 
ATOM   154 C  CD  . PRO A 1 18 ? -8.905  9.605   -9.069  1.00 5.63  ? 68  PRO A CD  1 
ATOM   155 N  N   . ASN A 1 19 ? -6.652  13.622  -7.925  1.00 4.50  ? 69  ASN A N   1 
ATOM   156 C  CA  . ASN A 1 19 ? -5.640  14.072  -6.966  1.00 5.04  ? 69  ASN A CA  1 
ATOM   157 C  C   . ASN A 1 19 ? -6.143  14.283  -5.527  1.00 4.97  ? 69  ASN A C   1 
ATOM   158 O  O   . ASN A 1 19 ? -5.352  14.259  -4.602  1.00 4.66  ? 69  ASN A O   1 
ATOM   159 C  CB  . ASN A 1 19 ? -4.814  15.261  -7.484  1.00 6.03  ? 69  ASN A CB  1 
ATOM   160 C  CG  . ASN A 1 19 ? -5.613  16.545  -7.588  1.00 5.73  ? 69  ASN A CG  1 
ATOM   161 O  OD1 . ASN A 1 19 ? -6.457  16.849  -6.739  1.00 8.02  ? 69  ASN A OD1 1 
ATOM   162 N  ND2 . ASN A 1 19 ? -5.337  17.320  -8.623  1.00 5.44  ? 69  ASN A ND2 1 
ATOM   163 N  N   . ILE A 1 20 ? -7.454  14.463  -5.350  1.00 4.71  ? 70  ILE A N   1 
ATOM   164 C  CA  . ILE A 1 20 ? -8.008  14.612  -4.003  1.00 5.08  ? 70  ILE A CA  1 
ATOM   165 C  C   . ILE A 1 20 ? -7.980  13.303  -3.230  1.00 4.79  ? 70  ILE A C   1 
ATOM   166 O  O   . ILE A 1 20 ? -8.200  13.293  -2.018  1.00 4.51  ? 70  ILE A O   1 
ATOM   167 C  CB  . ILE A 1 20 ? -9.464  15.221  -3.974  1.00 5.71  ? 70  ILE A CB  1 
ATOM   168 C  CG1 . ILE A 1 20 ? -10.480 14.252  -4.603  1.00 6.12  ? 70  ILE A CG1 1 
ATOM   169 C  CG2 . ILE A 1 20 ? -9.468  16.652  -4.551  1.00 3.82  ? 70  ILE A CG2 1 
ATOM   170 C  CD1 . ILE A 1 20 ? -11.946 14.746  -4.558  1.00 6.65  ? 70  ILE A CD1 1 
ATOM   171 N  N   . LYS A 1 21 ? -7.624  12.362  -3.969  1.00 4.32  ? 71  LYS A N   1 
ATOM   172 C  CA  . LYS A 1 21 ? -7.553  11.073  -3.293  1.00 5.00  ? 71  LYS A CA  1 
ATOM   173 C  C   . LYS A 1 21 ? -6.117  10.617  -2.962  1.00 5.52  ? 71  LYS A C   1 
ATOM   174 O  O   . LYS A 1 21 ? -5.936  9.624   -2.261  1.00 5.67  ? 71  LYS A O   1 
ATOM   175 C  CB  . LYS A 1 21 ? -8.272  9.982   -4.105  1.00 5.40  ? 71  LYS A CB  1 
ATOM   176 C  CG  . LYS A 1 21 ? -9.771  10.244  -4.384  1.00 7.20  ? 71  LYS A CG  1 
ATOM   177 C  CD  . LYS A 1 21 ? -10.610 10.404  -3.104  1.00 9.18  ? 71  LYS A CD  1 
ATOM   178 C  CE  . LYS A 1 21 ? -10.764 9.073   -2.329  1.00 9.44  ? 71  LYS A CE  1 
ATOM   179 N  NZ  . LYS A 1 21 ? -11.729 9.200   -1.166  1.00 9.47  ? 71  LYS A NZ  1 
ATOM   180 N  N   . TRP A 1 22 ? -5.134  11.228  -3.461  1.00 5.24  ? 72  TRP A N   1 
ATOM   181 C  CA  . TRP A 1 22 ? -3.742  10.769  -3.312  1.00 5.33  ? 72  TRP A CA  1 
ATOM   182 C  C   . TRP A 1 22 ? -3.328  10.614  -1.844  1.00 5.25  ? 72  TRP A C   1 
ATOM   183 O  O   . TRP A 1 22 ? -2.682  9.648   -1.492  1.00 5.44  ? 72  TRP A O   1 
ATOM   184 C  CB  . TRP A 1 22 ? -2.768  11.707  -4.011  1.00 4.60  ? 72  TRP A CB  1 
ATOM   185 C  CG  . TRP A 1 22 ? -2.806  11.684  -5.506  1.00 4.78  ? 72  TRP A CG  1 
ATOM   186 C  CD1 . TRP A 1 22 ? -3.758  11.112  -6.309  1.00 4.98  ? 72  TRP A CD1 1 
ATOM   187 C  CD2 . TRP A 1 22 ? -1.865  12.313  -6.381  1.00 4.35  ? 72  TRP A CD2 1 
ATOM   188 N  NE1 . TRP A 1 22 ? -3.454  11.337  -7.627  1.00 6.60  ? 72  TRP A NE1 1 
ATOM   189 C  CE2 . TRP A 1 22 ? -2.298  12.071  -7.704  1.00 5.26  ? 72  TRP A CE2 1 
ATOM   190 C  CE3 . TRP A 1 22 ? -0.697  13.062  -6.175  1.00 6.97  ? 72  TRP A CE3 1 
ATOM   191 C  CZ2 . TRP A 1 22 ? -1.597  12.537  -8.829  1.00 4.74  ? 72  TRP A CZ2 1 
ATOM   192 C  CZ3 . TRP A 1 22 ? 0.017   13.524  -7.300  1.00 6.44  ? 72  TRP A CZ3 1 
ATOM   193 C  CH2 . TRP A 1 22 ? -0.442  13.256  -8.607  1.00 6.08  ? 72  TRP A CH2 1 
ATOM   194 N  N   . GLY A 1 23 ? -3.707  11.574  -1.004  1.00 4.73  ? 73  GLY A N   1 
ATOM   195 C  CA  . GLY A 1 23 ? -3.424  11.508  0.435   1.00 4.99  ? 73  GLY A CA  1 
ATOM   196 C  C   . GLY A 1 23 ? -3.850  10.194  1.075   1.00 5.39  ? 73  GLY A C   1 
ATOM   197 O  O   . GLY A 1 23 ? -3.139  9.644   1.935   1.00 5.08  ? 73  GLY A O   1 
ATOM   198 N  N   . MET A 1 24 ? -5.003  9.681   0.648   1.00 5.87  ? 74  MET A N   1 
ATOM   199 C  CA  . MET A 1 24 ? -5.498  8.414   1.155   1.00 7.13  ? 74  MET A CA  1 
ATOM   200 C  C   . MET A 1 24 ? -4.597  7.246   0.750   1.00 5.71  ? 74  MET A C   1 
ATOM   201 O  O   . MET A 1 24 ? -4.332  6.368   1.572   1.00 5.72  ? 74  MET A O   1 
ATOM   202 C  CB  . MET A 1 24 ? -6.935  8.161   0.713   1.00 6.44  ? 74  MET A CB  1 
ATOM   203 C  CG  . MET A 1 24 ? -7.964  8.829   1.631   0.80 9.20  ? 74  MET A CG  1 
ATOM   204 S  SD  . MET A 1 24 ? -9.637  8.352   1.156   0.80 12.85 ? 74  MET A SD  1 
ATOM   205 C  CE  . MET A 1 24 ? -9.707  6.649   1.551   0.80 12.59 ? 74  MET A CE  1 
ATOM   206 N  N   . TYR A 1 25 ? -4.143  7.230   -0.499  1.00 4.97  ? 75  TYR A N   1 
ATOM   207 C  CA  . TYR A 1 25 ? -3.207  6.173   -0.944  1.00 4.22  ? 75  TYR A CA  1 
ATOM   208 C  C   . TYR A 1 25 ? -1.852  6.294   -0.253  1.00 3.51  ? 75  TYR A C   1 
ATOM   209 O  O   . TYR A 1 25 ? -1.247  5.298   0.088   1.00 3.56  ? 75  TYR A O   1 
ATOM   210 C  CB  . TYR A 1 25 ? -3.016  6.195   -2.457  1.00 4.08  ? 75  TYR A CB  1 
ATOM   211 C  CG  . TYR A 1 25 ? -4.220  5.697   -3.247  1.00 3.60  ? 75  TYR A CG  1 
ATOM   212 C  CD1 . TYR A 1 25 ? -4.395  4.333   -3.498  1.00 2.32  ? 75  TYR A CD1 1 
ATOM   213 C  CD2 . TYR A 1 25 ? -5.186  6.593   -3.723  1.00 2.00  ? 75  TYR A CD2 1 
ATOM   214 C  CE1 . TYR A 1 25 ? -5.502  3.874   -4.235  1.00 2.00  ? 75  TYR A CE1 1 
ATOM   215 C  CE2 . TYR A 1 25 ? -6.297  6.144   -4.445  1.00 2.00  ? 75  TYR A CE2 1 
ATOM   216 C  CZ  . TYR A 1 25 ? -6.438  4.795   -4.699  1.00 2.46  ? 75  TYR A CZ  1 
ATOM   217 O  OH  . TYR A 1 25 ? -7.523  4.362   -5.412  1.00 2.48  ? 75  TYR A OH  1 
ATOM   218 N  N   . ILE A 1 26 ? -1.371  7.525   -0.063  1.00 3.59  ? 76  ILE A N   1 
ATOM   219 C  CA  . ILE A 1 26 ? -0.098  7.739   0.636   1.00 4.26  ? 76  ILE A CA  1 
ATOM   220 C  C   . ILE A 1 26 ? -0.150  7.212   2.079   1.00 4.77  ? 76  ILE A C   1 
ATOM   221 O  O   . ILE A 1 26 ? 0.752   6.481   2.511   1.00 4.43  ? 76  ILE A O   1 
ATOM   222 C  CB  . ILE A 1 26 ? 0.323   9.230   0.621   1.00 4.04  ? 76  ILE A CB  1 
ATOM   223 C  CG1 . ILE A 1 26 ? 0.720   9.620   -0.802  1.00 4.89  ? 76  ILE A CG1 1 
ATOM   224 C  CG2 . ILE A 1 26 ? 1.476   9.478   1.629   1.00 4.46  ? 76  ILE A CG2 1 
ATOM   225 C  CD1 . ILE A 1 26 ? 0.679   11.104  -1.058  1.00 8.22  ? 76  ILE A CD1 1 
ATOM   226 N  N   . ALA A 1 27 ? -1.192  7.602   2.808   1.00 5.00  ? 77  ALA A N   1 
ATOM   227 C  CA  . ALA A 1 27 ? -1.426  7.144   4.171   1.00 5.28  ? 77  ALA A CA  1 
ATOM   228 C  C   . ALA A 1 27 ? -1.549  5.625   4.266   1.00 5.55  ? 77  ALA A C   1 
ATOM   229 O  O   . ALA A 1 27 ? -0.993  5.012   5.175   1.00 6.85  ? 77  ALA A O   1 
ATOM   230 C  CB  . ALA A 1 27 ? -2.686  7.807   4.748   1.00 5.46  ? 77  ALA A CB  1 
ATOM   231 N  N   . PHE A 1 28 ? -2.302  5.021   3.345   1.00 4.65  ? 78  PHE A N   1 
ATOM   232 C  CA  . PHE A 1 28 ? -2.436  3.554   3.253   1.00 3.94  ? 78  PHE A CA  1 
ATOM   233 C  C   . PHE A 1 28 ? -1.055  2.898   3.067   1.00 3.29  ? 78  PHE A C   1 
ATOM   234 O  O   . PHE A 1 28 ? -0.699  1.947   3.778   1.00 3.21  ? 78  PHE A O   1 
ATOM   235 C  CB  . PHE A 1 28 ? -3.394  3.168   2.087   1.00 3.48  ? 78  PHE A CB  1 
ATOM   236 C  CG  . PHE A 1 28 ? -3.295  1.704   1.662   1.00 4.19  ? 78  PHE A CG  1 
ATOM   237 C  CD1 . PHE A 1 28 ? -3.892  0.705   2.428   1.00 4.15  ? 78  PHE A CD1 1 
ATOM   238 C  CD2 . PHE A 1 28 ? -2.593  1.327   0.503   1.00 5.74  ? 78  PHE A CD2 1 
ATOM   239 C  CE1 . PHE A 1 28 ? -3.808  -0.646  2.044   1.00 3.34  ? 78  PHE A CE1 1 
ATOM   240 C  CE2 . PHE A 1 28 ? -2.503  -0.026  0.111   1.00 6.17  ? 78  PHE A CE2 1 
ATOM   241 C  CZ  . PHE A 1 28 ? -3.112  -1.014  0.890   1.00 4.56  ? 78  PHE A CZ  1 
ATOM   242 N  N   . GLY A 1 29 ? -0.261  3.429   2.143   1.00 3.54  ? 79  GLY A N   1 
ATOM   243 C  CA  . GLY A 1 29 ? 1.052   2.849   1.846   1.00 2.99  ? 79  GLY A CA  1 
ATOM   244 C  C   . GLY A 1 29 ? 2.031   2.984   2.996   1.00 3.95  ? 79  GLY A C   1 
ATOM   245 O  O   . GLY A 1 29 ? 2.754   2.042   3.312   1.00 2.51  ? 79  GLY A O   1 
ATOM   246 N  N   . GLU A 1 30 ? 2.070   4.167   3.609   1.00 4.54  ? 80  GLU A N   1 
ATOM   247 C  CA  . GLU A 1 30 ? 2.985   4.433   4.714   1.00 6.11  ? 80  GLU A CA  1 
ATOM   248 C  C   . GLU A 1 30 ? 2.686   3.545   5.905   1.00 5.76  ? 80  GLU A C   1 
ATOM   249 O  O   . GLU A 1 30 ? 3.604   2.989   6.524   1.00 5.04  ? 80  GLU A O   1 
ATOM   250 C  CB  . GLU A 1 30 ? 2.937   5.912   5.118   1.00 6.44  ? 80  GLU A CB  1 
ATOM   251 C  CG  . GLU A 1 30 ? 3.657   6.796   4.072   1.00 9.06  ? 80  GLU A CG  1 
ATOM   252 C  CD  . GLU A 1 30 ? 3.625   8.286   4.416   1.00 11.85 ? 80  GLU A CD  1 
ATOM   253 O  OE1 . GLU A 1 30 ? 2.670   8.755   5.069   1.00 16.66 ? 80  GLU A OE1 1 
ATOM   254 O  OE2 . GLU A 1 30 ? 4.574   8.984   4.020   1.00 18.82 ? 80  GLU A OE2 1 
ATOM   255 N  N   . LYS A 1 31 ? 1.398   3.421   6.222   1.00 5.02  ? 81  LYS A N   1 
ATOM   256 C  CA  . LYS A 1 31 ? 0.957   2.553   7.309   1.00 5.82  ? 81  LYS A CA  1 
ATOM   257 C  C   . LYS A 1 31 ? 1.311   1.095   7.011   1.00 4.84  ? 81  LYS A C   1 
ATOM   258 O  O   . LYS A 1 31 ? 1.786   0.377   7.885   1.00 3.43  ? 81  LYS A O   1 
ATOM   259 C  CB  . LYS A 1 31 ? -0.549  2.719   7.549   0.80 5.07  ? 81  LYS A CB  1 
ATOM   260 C  CG  . LYS A 1 31 ? -1.144  1.768   8.577   0.80 8.42  ? 81  LYS A CG  1 
ATOM   261 C  CD  . LYS A 1 31 ? -2.672  1.818   8.543   0.80 11.13 ? 81  LYS A CD  1 
ATOM   262 C  CE  . LYS A 1 31 ? -3.305  0.615   9.259   0.80 14.93 ? 81  LYS A CE  1 
ATOM   263 N  NZ  . LYS A 1 31 ? -3.291  0.746   10.742  0.80 18.69 ? 81  LYS A NZ  1 
ATOM   264 N  N   . LEU A 1 32 ? 1.065   0.663   5.778   1.00 4.38  ? 82  LEU A N   1 
ATOM   265 C  CA  . LEU A 1 32 ? 1.336   -0.724  5.390   1.00 4.29  ? 82  LEU A CA  1 
ATOM   266 C  C   . LEU A 1 32 ? 2.825   -1.040  5.439   1.00 4.13  ? 82  LEU A C   1 
ATOM   267 O  O   . LEU A 1 32 ? 3.200   -2.122  5.880   1.00 4.33  ? 82  LEU A O   1 
ATOM   268 C  CB  . LEU A 1 32 ? 0.817   -1.026  3.973   1.00 3.77  ? 82  LEU A CB  1 
ATOM   269 C  CG  . LEU A 1 32 ? 0.911   -2.492  3.492   1.00 4.31  ? 82  LEU A CG  1 
ATOM   270 C  CD1 . LEU A 1 32 ? 0.193   -3.451  4.463   1.00 5.55  ? 82  LEU A CD1 1 
ATOM   271 C  CD2 . LEU A 1 32 ? 0.295   -2.596  2.096   1.00 5.32  ? 82  LEU A CD2 1 
ATOM   272 N  N   . LEU A 1 33 ? 3.656   -0.115  4.957   1.00 3.64  ? 83  LEU A N   1 
ATOM   273 C  CA  . LEU A 1 33 ? 5.113   -0.297  5.019   1.00 3.60  ? 83  LEU A CA  1 
ATOM   274 C  C   . LEU A 1 33 ? 5.598   -0.492  6.454   1.00 4.20  ? 83  LEU A C   1 
ATOM   275 O  O   . LEU A 1 33 ? 6.366   -1.427  6.730   1.00 3.50  ? 83  LEU A O   1 
ATOM   276 C  CB  . LEU A 1 33 ? 5.879   0.855   4.347   1.00 3.11  ? 83  LEU A CB  1 
ATOM   277 C  CG  . LEU A 1 33 ? 7.419   0.760   4.447   1.00 3.64  ? 83  LEU A CG  1 
ATOM   278 C  CD1 . LEU A 1 33 ? 7.958   -0.540  3.813   1.00 2.00  ? 83  LEU A CD1 1 
ATOM   279 C  CD2 . LEU A 1 33 ? 8.104   1.972   3.818   1.00 4.06  ? 83  LEU A CD2 1 
ATOM   280 N  N   . LYS A 1 34 ? 5.174   0.388   7.360   1.00 4.25  ? 84  LYS A N   1 
ATOM   281 C  CA  . LYS A 1 34 ? 5.578   0.277   8.760   1.00 4.98  ? 84  LYS A CA  1 
ATOM   282 C  C   . LYS A 1 34 ? 5.191   -1.085  9.363   1.00 5.38  ? 84  LYS A C   1 
ATOM   283 O  O   . LYS A 1 34 ? 5.994   -1.730  10.065  1.00 4.32  ? 84  LYS A O   1 
ATOM   284 C  CB  . LYS A 1 34 ? 4.985   1.436   9.579   1.00 5.31  ? 84  LYS A CB  1 
ATOM   285 C  CG  . LYS A 1 34 ? 5.513   1.536   11.002  1.00 6.62  ? 84  LYS A CG  1 
ATOM   286 C  CD  . LYS A 1 34 ? 4.909   2.766   11.665  1.00 12.22 ? 84  LYS A CD  1 
ATOM   287 C  CE  . LYS A 1 34 ? 5.344   2.889   13.099  1.00 15.12 ? 84  LYS A CE  1 
ATOM   288 N  NZ  . LYS A 1 34 ? 4.659   4.071   13.721  1.00 18.63 ? 84  LYS A NZ  1 
ATOM   289 N  N   . SER A 1 35 ? 3.968   -1.533  9.085   1.00 5.20  ? 85  SER A N   1 
ATOM   290 C  CA  . SER A 1 35 ? 3.538   -2.842  9.571   1.00 6.04  ? 85  SER A CA  1 
ATOM   291 C  C   . SER A 1 35 ? 4.273   -3.987  8.895   1.00 6.01  ? 85  SER A C   1 
ATOM   292 O  O   . SER A 1 35 ? 4.646   -4.939  9.562   1.00 5.96  ? 85  SER A O   1 
ATOM   293 C  CB  . SER A 1 35 ? 2.034   -3.012  9.421   1.00 5.80  ? 85  SER A CB  1 
ATOM   294 O  OG  . SER A 1 35 ? 1.374   -1.960  10.111  1.00 7.25  ? 85  SER A OG  1 
ATOM   295 N  N   . TYR A 1 36 ? 4.480   -3.897  7.586   1.00 5.68  ? 86  TYR A N   1 
ATOM   296 C  CA  . TYR A 1 36 ? 5.257   -4.915  6.877   1.00 6.26  ? 86  TYR A CA  1 
ATOM   297 C  C   . TYR A 1 36 ? 6.692   -5.053  7.451   1.00 5.86  ? 86  TYR A C   1 
ATOM   298 O  O   . TYR A 1 36 ? 7.184   -6.182  7.667   1.00 5.23  ? 86  TYR A O   1 
ATOM   299 C  CB  . TYR A 1 36 ? 5.285   -4.605  5.375   1.00 7.05  ? 86  TYR A CB  1 
ATOM   300 C  CG  . TYR A 1 36 ? 6.267   -5.413  4.571   1.00 7.91  ? 86  TYR A CG  1 
ATOM   301 C  CD1 . TYR A 1 36 ? 5.966   -6.711  4.128   1.00 9.07  ? 86  TYR A CD1 1 
ATOM   302 C  CD2 . TYR A 1 36 ? 7.511   -4.863  4.228   1.00 9.41  ? 86  TYR A CD2 1 
ATOM   303 C  CE1 . TYR A 1 36 ? 6.914   -7.445  3.354   1.00 8.89  ? 86  TYR A CE1 1 
ATOM   304 C  CE2 . TYR A 1 36 ? 8.441   -5.577  3.487   1.00 8.99  ? 86  TYR A CE2 1 
ATOM   305 C  CZ  . TYR A 1 36 ? 8.149   -6.841  3.051   1.00 10.70 ? 86  TYR A CZ  1 
ATOM   306 O  OH  . TYR A 1 36 ? 9.127   -7.477  2.319   1.00 13.40 ? 86  TYR A OH  1 
ATOM   307 N  N   . LEU A 1 37 ? 7.359   -3.920  7.690   1.00 5.00  ? 87  LEU A N   1 
ATOM   308 C  CA  . LEU A 1 37 ? 8.735   -3.960  8.219   1.00 4.28  ? 87  LEU A CA  1 
ATOM   309 C  C   . LEU A 1 37 ? 8.778   -4.548  9.635   1.00 4.38  ? 87  LEU A C   1 
ATOM   310 O  O   . LEU A 1 37 ? 9.667   -5.342  9.960   1.00 3.01  ? 87  LEU A O   1 
ATOM   311 C  CB  . LEU A 1 37 ? 9.355   -2.560  8.215   1.00 5.07  ? 87  LEU A CB  1 
ATOM   312 C  CG  . LEU A 1 37 ? 9.749   -2.040  6.819   1.00 4.91  ? 87  LEU A CG  1 
ATOM   313 C  CD1 . LEU A 1 37 ? 10.267  -0.585  6.912   1.00 4.86  ? 87  LEU A CD1 1 
ATOM   314 C  CD2 . LEU A 1 37 ? 10.783  -2.965  6.234   1.00 7.18  ? 87  LEU A CD2 1 
ATOM   315 N  N   . LYS A 1 38 ? 7.791   -4.190  10.455  1.00 4.75  ? 88  LYS A N   1 
ATOM   316 C  CA  . LYS A 1 38 ? 7.686   -4.785  11.801  1.00 6.58  ? 88  LYS A CA  1 
ATOM   317 C  C   . LYS A 1 38 ? 7.540   -6.306  11.724  1.00 6.47  ? 88  LYS A C   1 
ATOM   318 O  O   . LYS A 1 38 ? 8.204   -7.028  12.481  1.00 5.27  ? 88  LYS A O   1 
ATOM   319 C  CB  . LYS A 1 38 ? 6.527   -4.181  12.621  1.00 7.08  ? 88  LYS A CB  1 
ATOM   320 C  CG  . LYS A 1 38 ? 6.434   -4.761  14.062  1.00 8.76  ? 88  LYS A CG  1 
ATOM   321 C  CD  . LYS A 1 38 ? 5.299   -4.123  14.859  1.00 10.63 ? 88  LYS A CD  1 
ATOM   322 C  CE  . LYS A 1 38 ? 5.181   -4.711  16.293  1.00 10.74 ? 88  LYS A CE  1 
ATOM   323 N  NZ  . LYS A 1 38 ? 6.313   -4.269  17.170  1.00 17.05 ? 88  LYS A NZ  1 
ATOM   324 N  N   . MET A 1 39 ? 6.661   -6.784  10.836  1.00 6.04  ? 89  MET A N   1 
ATOM   325 C  CA  . MET A 1 39 ? 6.422   -8.227  10.680  1.00 8.18  ? 89  MET A CA  1 
ATOM   326 C  C   . MET A 1 39 ? 7.664   -8.978  10.195  1.00 6.60  ? 89  MET A C   1 
ATOM   327 O  O   . MET A 1 39 ? 8.020   -10.019 10.733  1.00 7.13  ? 89  MET A O   1 
ATOM   328 C  CB  . MET A 1 39 ? 5.265   -8.477  9.711   1.00 7.78  ? 89  MET A CB  1 
ATOM   329 C  CG  . MET A 1 39 ? 3.916   -8.380  10.373  1.00 10.95 ? 89  MET A CG  1 
ATOM   330 S  SD  . MET A 1 39 ? 2.646   -8.784  9.160   1.00 13.49 ? 89  MET A SD  1 
ATOM   331 C  CE  . MET A 1 39 ? 2.451   -10.496 9.531   1.00 19.20 ? 89  MET A CE  1 
ATOM   332 N  N   . LYS A 1 40 ? 8.352   -8.465  9.149   1.00 6.50  ? 90  LYS A N   1 
ATOM   333 C  CA  . LYS A 1 40 ? 9.644   -8.971  8.695   1.00 7.11  ? 90  LYS A CA  1 
ATOM   334 C  C   . LYS A 1 40 ? 10.666  -9.024  9.814   1.00 6.55  ? 90  LYS A C   1 
ATOM   335 O  O   . LYS A 1 40 ? 11.405  -9.987  9.911   1.00 6.49  ? 90  LYS A O   1 
ATOM   336 C  CB  . LYS A 1 40 ? 10.200  -8.118  7.559   1.00 7.50  ? 90  LYS A CB  1 
ATOM   337 C  CG  . LYS A 1 40 ? 9.282   -8.055  6.334   1.00 11.47 ? 90  LYS A CG  1 
ATOM   338 C  CD  . LYS A 1 40 ? 9.005   -9.437  5.745   1.00 18.48 ? 90  LYS A CD  1 
ATOM   339 C  CE  . LYS A 1 40 ? 10.224  -10.053 5.071   1.00 22.53 ? 90  LYS A CE  1 
ATOM   340 N  NZ  . LYS A 1 40 ? 9.791   -11.320 4.384   1.00 27.47 ? 90  LYS A NZ  1 
ATOM   341 N  N   . ALA A 1 41 ? 10.807  -7.954  10.516  1.00 6.22  ? 91  ALA A N   1 
ATOM   342 C  CA  . ALA A 1 41 ? 11.816  -7.913  11.592  1.00 6.48  ? 91  ALA A CA  1 
ATOM   343 C  C   . ALA A 1 41 ? 11.550  -9.017  12.615  1.00 7.28  ? 91  ALA A C   1 
ATOM   344 O  O   . ALA A 1 41 ? 12.483  -9.608  13.136  1.00 7.67  ? 91  ALA A O   1 
ATOM   345 C  CB  . ALA A 1 41 ? 11.846  -6.521  12.252  1.00 5.82  ? 91  ALA A CB  1 
ATOM   346 N  N   . GLY A 1 42 ? 10.276  -9.294  12.883  1.00 8.15  ? 92  GLY A N   1 
ATOM   347 C  CA  . GLY A 1 42 ? 9.877   -10.318 13.841  1.00 9.84  ? 92  GLY A CA  1 
ATOM   348 C  C   . GLY A 1 42 ? 9.675   -11.720 13.301  1.00 11.32 ? 92  GLY A C   1 
ATOM   349 O  O   . GLY A 1 42 ? 9.080   -12.567 13.979  1.00 11.28 ? 92  GLY A O   1 
ATOM   350 N  N   . SER A 1 43 ? 10.171  -11.987 12.094  1.00 11.76 ? 93  SER A N   1 
ATOM   351 C  CA  . SER A 1 43 ? 10.012  -13.297 11.464  1.00 13.94 ? 93  SER A CA  1 
ATOM   352 C  C   . SER A 1 43 ? 8.577   -13.858 11.400  1.00 13.84 ? 93  SER A C   1 
ATOM   353 O  O   . SER A 1 43 ? 8.335   -15.070 11.606  1.00 14.59 ? 93  SER A O   1 
ATOM   354 C  CB  . SER A 1 43 ? 10.981  -14.307 12.094  1.00 14.32 ? 93  SER A CB  1 
ATOM   355 O  OG  . SER A 1 43 ? 12.290  -13.853 11.833  1.00 17.90 ? 93  SER A OG  1 
ATOM   356 N  N   . ALA A 1 44 ? 7.625   -12.982 11.080  1.00 13.31 ? 94  ALA A N   1 
ATOM   357 C  CA  . ALA A 1 44 ? 6.267   -13.420 10.769  1.00 11.75 ? 94  ALA A CA  1 
ATOM   358 C  C   . ALA A 1 44 ? 6.352   -14.397 9.605   1.00 11.40 ? 94  ALA A C   1 
ATOM   359 O  O   . ALA A 1 44 ? 7.226   -14.265 8.748   1.00 10.00 ? 94  ALA A O   1 
ATOM   360 C  CB  . ALA A 1 44 ? 5.426   -12.239 10.386  1.00 12.28 ? 94  ALA A CB  1 
ATOM   361 N  N   . SER A 1 45 ? 5.449   -15.379 9.559   1.00 11.29 ? 95  SER A N   1 
ATOM   362 C  CA  . SER A 1 45 ? 5.412   -16.305 8.416   1.00 11.27 ? 95  SER A CA  1 
ATOM   363 C  C   . SER A 1 45 ? 4.921   -15.579 7.148   1.00 11.52 ? 95  SER A C   1 
ATOM   364 O  O   . SER A 1 45 ? 4.259   -14.553 7.227   1.00 10.43 ? 95  SER A O   1 
ATOM   365 C  CB  . SER A 1 45 ? 4.488   -17.479 8.703   1.00 11.56 ? 95  SER A CB  1 
ATOM   366 O  OG  . SER A 1 45 ? 3.132   -17.043 8.752   1.00 11.98 ? 95  SER A OG  1 
ATOM   367 N  N   . SER A 1 46 ? 5.243   -16.147 5.998   1.00 11.48 ? 96  SER A N   1 
ATOM   368 C  CA  . SER A 1 46 ? 4.675   -15.751 4.714   1.00 12.75 ? 96  SER A CA  1 
ATOM   369 C  C   . SER A 1 46 ? 3.142   -15.685 4.714   1.00 12.10 ? 96  SER A C   1 
ATOM   370 O  O   . SER A 1 46 ? 2.559   -14.724 4.187   1.00 11.58 ? 96  SER A O   1 
ATOM   371 C  CB  . SER A 1 46 ? 5.168   -16.694 3.612   1.00 12.44 ? 96  SER A CB  1 
ATOM   372 O  OG  . SER A 1 46 ? 4.662   -16.269 2.357   1.00 19.54 ? 96  SER A OG  1 
ATOM   373 N  N   . ASP A 1 47 ? 2.496   -16.689 5.307   1.00 11.89 ? 97  ASP A N   1 
ATOM   374 C  CA  . ASP A 1 47 ? 1.026   -16.716 5.402   1.00 11.56 ? 97  ASP A CA  1 
ATOM   375 C  C   . ASP A 1 47 ? 0.479   -15.522 6.202   1.00 10.41 ? 97  ASP A C   1 
ATOM   376 O  O   . ASP A 1 47 ? -0.497  -14.883 5.807   1.00 8.97  ? 97  ASP A O   1 
ATOM   377 C  CB  . ASP A 1 47 ? 0.547   -18.028 6.035   0.80 12.42 ? 97  ASP A CB  1 
ATOM   378 C  CG  . ASP A 1 47 ? 0.703   -19.222 5.107   0.80 15.91 ? 97  ASP A CG  1 
ATOM   379 O  OD1 . ASP A 1 47 ? 0.838   -19.032 3.876   0.80 19.59 ? 97  ASP A OD1 1 
ATOM   380 O  OD2 . ASP A 1 47 ? 0.691   -20.368 5.610   0.80 21.16 ? 97  ASP A OD2 1 
ATOM   381 N  N   . MET A 1 48 ? 1.122   -15.244 7.327   1.00 9.30  ? 98  MET A N   1 
ATOM   382 C  CA  . MET A 1 48 ? 0.756   -14.103 8.183   1.00 9.36  ? 98  MET A CA  1 
ATOM   383 C  C   . MET A 1 48 ? 0.914   -12.790 7.430   1.00 7.56  ? 98  MET A C   1 
ATOM   384 O  O   . MET A 1 48 ? 0.036   -11.918 7.495   1.00 7.11  ? 98  MET A O   1 
ATOM   385 C  CB  . MET A 1 48 ? 1.588   -14.082 9.480   0.70 8.15  ? 98  MET A CB  1 
ATOM   386 C  CG  . MET A 1 48 ? 1.156   -13.005 10.467  0.70 10.40 ? 98  MET A CG  1 
ATOM   387 S  SD  . MET A 1 48 ? 2.056   -12.888 12.046  0.70 12.27 ? 98  MET A SD  1 
ATOM   388 C  CE  . MET A 1 48 ? 1.224   -14.142 13.000  0.70 10.99 ? 98  MET A CE  1 
ATOM   389 N  N   . ILE A 1 49 ? 2.023   -12.643 6.718   1.00 6.84  ? 99  ILE A N   1 
ATOM   390 C  CA  . ILE A 1 49 ? 2.265   -11.391 5.969   1.00 6.54  ? 99  ILE A CA  1 
ATOM   391 C  C   . ILE A 1 49 ? 1.226   -11.200 4.859   1.00 6.06  ? 99  ILE A C   1 
ATOM   392 O  O   . ILE A 1 49 ? 0.611   -10.124 4.742   1.00 5.13  ? 99  ILE A O   1 
ATOM   393 C  CB  . ILE A 1 49 ? 3.722   -11.290 5.426   1.00 6.54  ? 99  ILE A CB  1 
ATOM   394 C  CG1 . ILE A 1 49 ? 4.709   -11.273 6.615   1.00 7.52  ? 99  ILE A CG1 1 
ATOM   395 C  CG2 . ILE A 1 49 ? 3.880   -10.033 4.593   1.00 5.86  ? 99  ILE A CG2 1 
ATOM   396 C  CD1 . ILE A 1 49 ? 6.143   -11.479 6.238   1.00 11.74 ? 99  ILE A CD1 1 
ATOM   397 N  N   . ALA A 1 50 ? 1.009   -12.249 4.067   1.00 6.51  ? 100 ALA A N   1 
ATOM   398 C  CA  . ALA A 1 50 ? -0.014  -12.212 3.015   1.00 6.12  ? 100 ALA A CA  1 
ATOM   399 C  C   . ALA A 1 50 ? -1.396  -11.879 3.571   1.00 6.22  ? 100 ALA A C   1 
ATOM   400 O  O   . ALA A 1 50 ? -2.099  -11.032 3.020   1.00 5.49  ? 100 ALA A O   1 
ATOM   401 C  CB  . ALA A 1 50 ? -0.045  -13.528 2.252   1.00 6.77  ? 100 ALA A CB  1 
ATOM   402 N  N   . GLU A 1 51 ? -1.779  -12.534 4.670   1.00 7.37  ? 101 GLU A N   1 
ATOM   403 C  CA  . GLU A 1 51 ? -3.083  -12.270 5.314   1.00 7.58  ? 101 GLU A CA  1 
ATOM   404 C  C   . GLU A 1 51 ? -3.218  -10.804 5.725   1.00 6.41  ? 101 GLU A C   1 
ATOM   405 O  O   . GLU A 1 51 ? -4.276  -10.201 5.502   1.00 5.47  ? 101 GLU A O   1 
ATOM   406 C  CB  . GLU A 1 51 ? -3.326  -13.200 6.511   1.00 8.05  ? 101 GLU A CB  1 
ATOM   407 C  CG  . GLU A 1 51 ? -4.674  -12.919 7.260   1.00 9.38  ? 101 GLU A CG  1 
ATOM   408 C  CD  . GLU A 1 51 ? -5.063  -14.012 8.255   1.00 13.85 ? 101 GLU A CD  1 
ATOM   409 O  OE1 . GLU A 1 51 ? -4.338  -15.027 8.367   1.00 20.29 ? 101 GLU A OE1 1 
ATOM   410 O  OE2 . GLU A 1 51 ? -6.096  -13.865 8.947   1.00 19.96 ? 101 GLU A OE2 1 
ATOM   411 N  N   . TYR A 1 52 ? -2.156  -10.241 6.314   1.00 5.71  ? 102 TYR A N   1 
ATOM   412 C  CA  . TYR A 1 52 ? -2.176  -8.863  6.808   1.00 5.32  ? 102 TYR A CA  1 
ATOM   413 C  C   . TYR A 1 52 ? -2.313  -7.911  5.620   1.00 4.02  ? 102 TYR A C   1 
ATOM   414 O  O   . TYR A 1 52 ? -3.147  -7.014  5.618   1.00 2.96  ? 102 TYR A O   1 
ATOM   415 C  CB  . TYR A 1 52 ? -0.897  -8.532  7.588   1.00 6.47  ? 102 TYR A CB  1 
ATOM   416 C  CG  . TYR A 1 52 ? -0.964  -7.207  8.327   1.00 6.39  ? 102 TYR A CG  1 
ATOM   417 C  CD1 . TYR A 1 52 ? -1.329  -7.174  9.664   1.00 8.99  ? 102 TYR A CD1 1 
ATOM   418 C  CD2 . TYR A 1 52 ? -0.697  -5.990  7.684   1.00 5.80  ? 102 TYR A CD2 1 
ATOM   419 C  CE1 . TYR A 1 52 ? -1.414  -5.974  10.361  1.00 8.83  ? 102 TYR A CE1 1 
ATOM   420 C  CE2 . TYR A 1 52 ? -0.783  -4.772  8.388   1.00 7.00  ? 102 TYR A CE2 1 
ATOM   421 C  CZ  . TYR A 1 52 ? -1.132  -4.794  9.732   1.00 8.57  ? 102 TYR A CZ  1 
ATOM   422 O  OH  . TYR A 1 52 ? -1.219  -3.641  10.484  1.00 10.36 ? 102 TYR A OH  1 
ATOM   423 N  N   . ILE A 1 53 ? -1.494  -8.131  4.608   1.00 4.05  ? 103 ILE A N   1 
ATOM   424 C  CA  . ILE A 1 53 ? -1.531  -7.296  3.410   1.00 3.64  ? 103 ILE A CA  1 
ATOM   425 C  C   . ILE A 1 53 ? -2.906  -7.374  2.743   1.00 3.57  ? 103 ILE A C   1 
ATOM   426 O  O   . ILE A 1 53 ? -3.498  -6.336  2.403   1.00 2.50  ? 103 ILE A O   1 
ATOM   427 C  CB  . ILE A 1 53 ? -0.386  -7.656  2.448   1.00 4.01  ? 103 ILE A CB  1 
ATOM   428 C  CG1 . ILE A 1 53 ? 0.954   -7.190  3.023   1.00 4.02  ? 103 ILE A CG1 1 
ATOM   429 C  CG2 . ILE A 1 53 ? -0.639  -7.067  1.024   1.00 4.14  ? 103 ILE A CG2 1 
ATOM   430 C  CD1 . ILE A 1 53 ? 2.167   -7.729  2.246   1.00 6.23  ? 103 ILE A CD1 1 
ATOM   431 N  N   . ASN A 1 54 ? -3.416  -8.605  2.584   1.00 3.58  ? 104 ASN A N   1 
ATOM   432 C  CA  . ASN A 1 54 ? -4.725  -8.817  1.975   1.00 3.50  ? 104 ASN A CA  1 
ATOM   433 C  C   . ASN A 1 54 ? -5.849  -8.169  2.787   1.00 3.38  ? 104 ASN A C   1 
ATOM   434 O  O   . ASN A 1 54 ? -6.790  -7.627  2.195   1.00 2.43  ? 104 ASN A O   1 
ATOM   435 C  CB  . ASN A 1 54 ? -5.005  -10.315 1.719   1.00 3.22  ? 104 ASN A CB  1 
ATOM   436 C  CG  . ASN A 1 54 ? -4.168  -10.874 0.557   1.00 4.64  ? 104 ASN A CG  1 
ATOM   437 O  OD1 . ASN A 1 54 ? -3.649  -10.118 -0.259  1.00 5.03  ? 104 ASN A OD1 1 
ATOM   438 N  ND2 . ASN A 1 54 ? -3.989  -12.191 0.524   1.00 5.61  ? 104 ASN A ND2 1 
ATOM   439 N  N   . ASN A 1 55 ? -5.755  -8.232  4.122   1.00 2.35  ? 105 ASN A N   1 
ATOM   440 C  CA  . ASN A 1 55 ? -6.735  -7.561  4.991   1.00 3.52  ? 105 ASN A CA  1 
ATOM   441 C  C   . ASN A 1 55 ? -6.674  -6.041  4.814   1.00 3.21  ? 105 ASN A C   1 
ATOM   442 O  O   . ASN A 1 55 ? -7.712  -5.361  4.803   1.00 3.82  ? 105 ASN A O   1 
ATOM   443 C  CB  . ASN A 1 55 ? -6.537  -7.931  6.478   1.00 3.92  ? 105 ASN A CB  1 
ATOM   444 C  CG  . ASN A 1 55 ? -7.237  -9.241  6.869   1.00 5.36  ? 105 ASN A CG  1 
ATOM   445 O  OD1 . ASN A 1 55 ? -6.727  -10.028 7.685   1.00 8.65  ? 105 ASN A OD1 1 
ATOM   446 N  ND2 . ASN A 1 55 ? -8.406  -9.464  6.315   1.00 2.00  ? 105 ASN A ND2 1 
ATOM   447 N  N   . ALA A 1 56 ? -5.457  -5.518  4.682   1.00 2.74  ? 106 ALA A N   1 
ATOM   448 C  CA  . ALA A 1 56 ? -5.253  -4.077  4.555   1.00 2.51  ? 106 ALA A CA  1 
ATOM   449 C  C   . ALA A 1 56 ? -5.835  -3.602  3.224   1.00 2.71  ? 106 ALA A C   1 
ATOM   450 O  O   . ALA A 1 56 ? -6.515  -2.597  3.181   1.00 2.05  ? 106 ALA A O   1 
ATOM   451 C  CB  . ALA A 1 56 ? -3.781  -3.739  4.632   1.00 2.00  ? 106 ALA A CB  1 
ATOM   452 N  N   . ILE A 1 57 ? -5.552  -4.347  2.150   1.00 2.44  ? 107 ILE A N   1 
ATOM   453 C  CA  . ILE A 1 57 ? -6.074  -4.028  0.827   1.00 2.65  ? 107 ILE A CA  1 
ATOM   454 C  C   . ILE A 1 57 ? -7.599  -4.152  0.801   1.00 2.86  ? 107 ILE A C   1 
ATOM   455 O  O   . ILE A 1 57 ? -8.275  -3.301  0.210   1.00 2.67  ? 107 ILE A O   1 
ATOM   456 C  CB  . ILE A 1 57 ? -5.444  -4.918  -0.273  1.00 2.01  ? 107 ILE A CB  1 
ATOM   457 C  CG1 . ILE A 1 57 ? -3.945  -4.630  -0.406  1.00 2.22  ? 107 ILE A CG1 1 
ATOM   458 C  CG2 . ILE A 1 57 ? -6.219  -4.745  -1.625  1.00 4.05  ? 107 ILE A CG2 1 
ATOM   459 C  CD1 . ILE A 1 57 ? -3.204  -5.685  -1.241  1.00 2.54  ? 107 ILE A CD1 1 
ATOM   460 N  N   . SER A 1 58 ? -8.144  -5.189  1.452   1.00 3.52  ? 108 SER A N   1 
ATOM   461 C  CA  . SER A 1 58 ? -9.615  -5.381  1.492   1.00 3.78  ? 108 SER A CA  1 
ATOM   462 C  C   . SER A 1 58 ? -10.332 -4.230  2.189   1.00 3.96  ? 108 SER A C   1 
ATOM   463 O  O   . SER A 1 58 ? -11.341 -3.706  1.687   1.00 2.31  ? 108 SER A O   1 
ATOM   464 C  CB  . SER A 1 58 ? -10.001 -6.689  2.190   1.00 3.50  ? 108 SER A CB  1 
ATOM   465 O  OG  . SER A 1 58 ? -9.467  -7.792  1.503   1.00 4.48  ? 108 SER A OG  1 
ATOM   466 N  N   . ALA A 1 59 ? -9.816  -3.846  3.357   1.00 3.79  ? 109 ALA A N   1 
ATOM   467 C  CA  . ALA A 1 59 ? -10.429 -2.747  4.120   1.00 4.49  ? 109 ALA A CA  1 
ATOM   468 C  C   . ALA A 1 59 ? -10.356 -1.412  3.365   1.00 4.43  ? 109 ALA A C   1 
ATOM   469 O  O   . ALA A 1 59 ? -11.333 -0.674  3.322   1.00 4.85  ? 109 ALA A O   1 
ATOM   470 C  CB  . ALA A 1 59 ? -9.777  -2.616  5.492   1.00 4.21  ? 109 ALA A CB  1 
ATOM   471 N  N   . PHE A 1 60 ? -9.184  -1.103  2.809   1.00 4.37  ? 110 PHE A N   1 
ATOM   472 C  CA  . PHE A 1 60 ? -8.950  0.140   2.081   1.00 4.84  ? 110 PHE A CA  1 
ATOM   473 C  C   . PHE A 1 60 ? -9.813  0.222   0.804   1.00 4.82  ? 110 PHE A C   1 
ATOM   474 O  O   . PHE A 1 60 ? -10.448 1.243   0.552   1.00 4.70  ? 110 PHE A O   1 
ATOM   475 C  CB  . PHE A 1 60 ? -7.440  0.276   1.754   1.00 4.22  ? 110 PHE A CB  1 
ATOM   476 C  CG  . PHE A 1 60 ? -7.061  1.567   1.042   1.00 5.12  ? 110 PHE A CG  1 
ATOM   477 C  CD1 . PHE A 1 60 ? -7.468  2.814   1.538   1.00 6.32  ? 110 PHE A CD1 1 
ATOM   478 C  CD2 . PHE A 1 60 ? -6.245  1.538   -0.099  1.00 4.98  ? 110 PHE A CD2 1 
ATOM   479 C  CE1 . PHE A 1 60 ? -7.071  4.017   0.880   1.00 4.02  ? 110 PHE A CE1 1 
ATOM   480 C  CE2 . PHE A 1 60 ? -5.861  2.735   -0.761  1.00 3.83  ? 110 PHE A CE2 1 
ATOM   481 C  CZ  . PHE A 1 60 ? -6.281  3.960   -0.271  1.00 4.44  ? 110 PHE A CZ  1 
ATOM   482 N  N   . SER A 1 61 ? -9.857  -0.878  0.042   1.00 5.38  ? 111 SER A N   1 
ATOM   483 C  CA  . SER A 1 61 ? -10.612 -0.969  -1.215  1.00 6.31  ? 111 SER A CA  1 
ATOM   484 C  C   . SER A 1 61 ? -12.128 -0.951  -1.016  1.00 6.26  ? 111 SER A C   1 
ATOM   485 O  O   . SER A 1 61 ? -12.884 -0.817  -1.988  1.00 5.84  ? 111 SER A O   1 
ATOM   486 C  CB  . SER A 1 61 ? -10.234 -2.254  -1.984  1.00 6.32  ? 111 SER A CB  1 
ATOM   487 O  OG  . SER A 1 61 ? -8.849  -2.259  -2.255  1.00 9.95  ? 111 SER A OG  1 
ATOM   488 N  N   . SER A 1 62 ? -12.580 -1.121  0.225   1.00 6.26  ? 112 SER A N   1 
ATOM   489 C  CA  . SER A 1 62 ? -14.025 -1.104  0.510   1.00 7.69  ? 112 SER A CA  1 
ATOM   490 C  C   . SER A 1 62 ? -14.550 0.330   0.566   1.00 8.65  ? 112 SER A C   1 
ATOM   491 O  O   . SER A 1 62 ? -15.759 0.551   0.568   1.00 9.51  ? 112 SER A O   1 
ATOM   492 C  CB  . SER A 1 62 ? -14.352 -1.821  1.821   1.00 6.79  ? 112 SER A CB  1 
ATOM   493 O  OG  . SER A 1 62 ? -13.954 -1.041  2.926   1.00 7.85  ? 112 SER A OG  1 
ATOM   494 N  N   . ARG A 1 63 ? -13.642 1.304   0.606   1.00 9.20  ? 113 ARG A N   1 
ATOM   495 C  CA  . ARG A 1 63 ? -14.028 2.717   0.538   1.00 10.03 ? 113 ARG A CA  1 
ATOM   496 C  C   . ARG A 1 63 ? -14.415 3.116   -0.882  1.00 10.55 ? 113 ARG A C   1 
ATOM   497 O  O   . ARG A 1 63 ? -13.783 2.698   -1.861  1.00 9.35  ? 113 ARG A O   1 
ATOM   498 C  CB  . ARG A 1 63 ? -12.907 3.614   1.051   1.00 10.13 ? 113 ARG A CB  1 
ATOM   499 C  CG  . ARG A 1 63 ? -12.403 3.239   2.438   1.00 11.42 ? 113 ARG A CG  1 
ATOM   500 C  CD  . ARG A 1 63 ? -11.331 4.195   2.892   0.80 14.16 ? 113 ARG A CD  1 
ATOM   501 N  NE  . ARG A 1 63 ? -10.454 3.618   3.900   0.80 17.40 ? 113 ARG A NE  1 
ATOM   502 C  CZ  . ARG A 1 63 ? -9.311  4.170   4.327   0.80 20.79 ? 113 ARG A CZ  1 
ATOM   503 N  NH1 . ARG A 1 63 ? -8.877  5.328   3.842   0.80 19.61 ? 113 ARG A NH1 1 
ATOM   504 N  NH2 . ARG A 1 63 ? -8.583  3.556   5.250   0.80 21.90 ? 113 ARG A NH2 1 
ATOM   505 N  N   . THR A 1 64 ? -15.456 3.936   -1.000  1.00 11.61 ? 114 THR A N   1 
ATOM   506 C  CA  . THR A 1 64 ? -15.908 4.347   -2.339  1.00 12.07 ? 114 THR A CA  1 
ATOM   507 C  C   . THR A 1 64 ? -14.892 5.325   -2.950  1.00 10.95 ? 114 THR A C   1 
ATOM   508 O  O   . THR A 1 64 ? -14.317 6.148   -2.250  1.00 11.40 ? 114 THR A O   1 
ATOM   509 C  CB  . THR A 1 64 ? -17.355 4.883   -2.312  0.70 12.58 ? 114 THR A CB  1 
ATOM   510 O  OG1 . THR A 1 64 ? -18.241 3.794   -1.994  0.70 13.92 ? 114 THR A OG1 1 
ATOM   511 C  CG2 . THR A 1 64 ? -17.763 5.473   -3.683  1.00 14.14 ? 114 THR A CG2 1 
ATOM   512 N  N   . GLY A 1 65 ? -14.628 5.178   -4.242  1.00 10.25 ? 115 GLY A N   1 
ATOM   513 C  CA  . GLY A 1 65 ? -13.651 6.039   -4.914  1.00 8.94  ? 115 GLY A CA  1 
ATOM   514 C  C   . GLY A 1 65 ? -12.210 5.554   -4.781  1.00 8.89  ? 115 GLY A C   1 
ATOM   515 O  O   . GLY A 1 65 ? -11.288 6.245   -5.204  1.00 7.94  ? 115 GLY A O   1 
ATOM   516 N  N   . ILE A 1 66 ? -12.025 4.377   -4.169  1.00 8.50  ? 116 ILE A N   1 
ATOM   517 C  CA  . ILE A 1 66 ? -10.696 3.745   -4.042  1.00 8.01  ? 116 ILE A CA  1 
ATOM   518 C  C   . ILE A 1 66 ? -10.603 2.520   -4.937  1.00 7.81  ? 116 ILE A C   1 
ATOM   519 O  O   . ILE A 1 66 ? -11.549 1.713   -5.014  1.00 7.27  ? 116 ILE A O   1 
ATOM   520 C  CB  . ILE A 1 66 ? -10.369 3.361   -2.561  1.00 8.04  ? 116 ILE A CB  1 
ATOM   521 C  CG1 . ILE A 1 66 ? -10.286 4.608   -1.646  1.00 7.82  ? 116 ILE A CG1 1 
ATOM   522 C  CG2 . ILE A 1 66 ? -9.087  2.466   -2.452  1.00 7.92  ? 116 ILE A CG2 1 
ATOM   523 C  CD1 . ILE A 1 66 ? -9.143  5.646   -1.978  1.00 7.72  ? 116 ILE A CD1 1 
ATOM   524 N  N   . SER A 1 67 ? -9.459  2.372   -5.607  1.00 6.78  ? 117 SER A N   1 
ATOM   525 C  CA  . SER A 1 67 ? -9.246  1.297   -6.561  1.00 6.27  ? 117 SER A CA  1 
ATOM   526 C  C   . SER A 1 67 ? -8.415  0.175   -5.929  1.00 5.84  ? 117 SER A C   1 
ATOM   527 O  O   . SER A 1 67 ? -7.292  0.397   -5.457  1.00 4.75  ? 117 SER A O   1 
ATOM   528 C  CB  . SER A 1 67 ? -8.549  1.828   -7.815  1.00 6.98  ? 117 SER A CB  1 
ATOM   529 O  OG  . SER A 1 67 ? -7.884  0.794   -8.533  1.00 9.23  ? 117 SER A OG  1 
ATOM   530 N  N   . GLN A 1 68 ? -8.979  -1.029  -5.925  1.00 4.11  ? 118 GLN A N   1 
ATOM   531 C  CA  . GLN A 1 68 ? -8.280  -2.185  -5.417  1.00 4.42  ? 118 GLN A CA  1 
ATOM   532 C  C   . GLN A 1 68 ? -6.978  -2.431  -6.197  1.00 4.36  ? 118 GLN A C   1 
ATOM   533 O  O   . GLN A 1 68 ? -5.952  -2.745  -5.601  1.00 3.72  ? 118 GLN A O   1 
ATOM   534 C  CB  . GLN A 1 68 ? -9.179  -3.428  -5.467  1.00 4.20  ? 118 GLN A CB  1 
ATOM   535 C  CG  . GLN A 1 68 ? -8.462  -4.682  -4.947  1.00 4.93  ? 118 GLN A CG  1 
ATOM   536 C  CD  . GLN A 1 68 ? -9.304  -5.936  -5.081  1.00 5.68  ? 118 GLN A CD  1 
ATOM   537 O  OE1 . GLN A 1 68 ? -10.535 -5.881  -5.039  1.00 7.18  ? 118 GLN A OE1 1 
ATOM   538 N  NE2 . GLN A 1 68 ? -8.644  -7.066  -5.266  1.00 6.16  ? 118 GLN A NE2 1 
ATOM   539 N  N   . GLU A 1 69 ? -7.033  -2.292  -7.521  1.00 4.30  ? 119 GLU A N   1 
ATOM   540 C  CA  A GLU A 1 69 ? -5.860  -2.498  -8.367  0.50 5.10  ? 119 GLU A CA  1 
ATOM   541 C  CA  B GLU A 1 69 ? -5.854  -2.477  -8.385  0.50 5.76  ? 119 GLU A CA  1 
ATOM   542 C  C   . GLU A 1 69 ? -4.689  -1.572  -7.981  1.00 4.90  ? 119 GLU A C   1 
ATOM   543 O  O   . GLU A 1 69 ? -3.521  -1.998  -7.931  1.00 4.16  ? 119 GLU A O   1 
ATOM   544 C  CB  A GLU A 1 69 ? -6.257  -2.337  -9.848  0.50 5.80  ? 119 GLU A CB  1 
ATOM   545 C  CB  B GLU A 1 69 ? -6.211  -2.221  -9.863  0.50 5.94  ? 119 GLU A CB  1 
ATOM   546 C  CG  A GLU A 1 69 ? -7.324  -3.346  -10.299 0.50 8.81  ? 119 GLU A CG  1 
ATOM   547 C  CG  B GLU A 1 69 ? -6.745  -3.438  -10.590 0.50 8.86  ? 119 GLU A CG  1 
ATOM   548 C  CD  A GLU A 1 69 ? -8.775  -2.851  -10.153 0.50 13.21 ? 119 GLU A CD  1 
ATOM   549 C  CD  B GLU A 1 69 ? -6.882  -3.223  -12.099 0.50 10.63 ? 119 GLU A CD  1 
ATOM   550 O  OE1 A GLU A 1 69 ? -9.081  -1.992  -9.287  0.50 12.48 ? 119 GLU A OE1 1 
ATOM   551 O  OE1 B GLU A 1 69 ? -6.693  -2.079  -12.590 0.50 16.19 ? 119 GLU A OE1 1 
ATOM   552 O  OE2 A GLU A 1 69 ? -9.622  -3.334  -10.937 0.50 16.84 ? 119 GLU A OE2 1 
ATOM   553 O  OE2 B GLU A 1 69 ? -7.172  -4.214  -12.803 0.50 14.84 ? 119 GLU A OE2 1 
ATOM   554 N  N   . THR A 1 70 ? -4.993  -0.316  -7.697  1.00 4.27  ? 120 THR A N   1 
ATOM   555 C  CA  . THR A 1 70 ? -3.942  0.631   -7.312  1.00 4.18  ? 120 THR A CA  1 
ATOM   556 C  C   . THR A 1 70 ? -3.410  0.329   -5.908  1.00 4.07  ? 120 THR A C   1 
ATOM   557 O  O   . THR A 1 70 ? -2.184  0.366   -5.665  1.00 3.09  ? 120 THR A O   1 
ATOM   558 C  CB  . THR A 1 70 ? -4.480  2.073   -7.395  1.00 4.89  ? 120 THR A CB  1 
ATOM   559 O  OG1 . THR A 1 70 ? -4.959  2.300   -8.722  1.00 4.58  ? 120 THR A OG1 1 
ATOM   560 C  CG2 . THR A 1 70 ? -3.384  3.074   -7.076  1.00 5.45  ? 120 THR A CG2 1 
ATOM   561 N  N   . ALA A 1 71 ? -4.325  0.008   -4.994  1.00 3.45  ? 121 ALA A N   1 
ATOM   562 C  CA  . ALA A 1 71 ? -3.923  -0.455  -3.654  1.00 4.04  ? 121 ALA A CA  1 
ATOM   563 C  C   . ALA A 1 71 ? -2.955  -1.642  -3.770  1.00 4.21  ? 121 ALA A C   1 
ATOM   564 O  O   . ALA A 1 71 ? -1.943  -1.693  -3.057  1.00 4.25  ? 121 ALA A O   1 
ATOM   565 C  CB  . ALA A 1 71 ? -5.150  -0.834  -2.830  1.00 4.02  ? 121 ALA A CB  1 
ATOM   566 N  N   . GLN A 1 72 ? -3.272  -2.595  -4.662  1.00 4.39  ? 122 GLN A N   1 
ATOM   567 C  CA  . GLN A 1 72 ? -2.425  -3.775  -4.890  1.00 4.18  ? 122 GLN A CA  1 
ATOM   568 C  C   . GLN A 1 72 ? -1.043  -3.391  -5.442  1.00 4.03  ? 122 GLN A C   1 
ATOM   569 O  O   . GLN A 1 72 ? -0.021  -3.966  -5.026  1.00 3.98  ? 122 GLN A O   1 
ATOM   570 C  CB  . GLN A 1 72 ? -3.114  -4.784  -5.833  1.00 3.51  ? 122 GLN A CB  1 
ATOM   571 C  CG  . GLN A 1 72 ? -2.346  -6.137  -5.986  1.00 3.97  ? 122 GLN A CG  1 
ATOM   572 C  CD  . GLN A 1 72 ? -2.403  -6.970  -4.723  1.00 4.19  ? 122 GLN A CD  1 
ATOM   573 O  OE1 . GLN A 1 72 ? -3.475  -7.319  -4.253  1.00 5.16  ? 122 GLN A OE1 1 
ATOM   574 N  NE2 . GLN A 1 72 ? -1.249  -7.255  -4.146  1.00 4.84  ? 122 GLN A NE2 1 
ATOM   575 N  N   . LYS A 1 73 ? -1.007  -2.449  -6.389  1.00 4.19  ? 123 LYS A N   1 
ATOM   576 C  CA  . LYS A 1 73 ? 0.274   -1.932  -6.914  1.00 4.78  ? 123 LYS A CA  1 
ATOM   577 C  C   . LYS A 1 73 ? 1.184   -1.366  -5.817  1.00 4.63  ? 123 LYS A C   1 
ATOM   578 O  O   . LYS A 1 73 ? 2.403   -1.534  -5.855  1.00 3.72  ? 123 LYS A O   1 
ATOM   579 C  CB  . LYS A 1 73 ? 0.034   -0.819  -7.926  1.00 5.78  ? 123 LYS A CB  1 
ATOM   580 C  CG  . LYS A 1 73 ? -0.345  -1.288  -9.327  1.00 9.06  ? 123 LYS A CG  1 
ATOM   581 C  CD  . LYS A 1 73 ? -0.221  -0.107  -10.276 1.00 12.38 ? 123 LYS A CD  1 
ATOM   582 C  CE  . LYS A 1 73 ? -0.158  -0.548  -11.732 1.00 14.39 ? 123 LYS A CE  1 
ATOM   583 N  NZ  . LYS A 1 73 ? -0.137  0.653   -12.620 1.00 14.51 ? 123 LYS A NZ  1 
ATOM   584 N  N   . ILE A 1 74 ? 0.584   -0.650  -4.871  1.00 3.53  ? 124 ILE A N   1 
ATOM   585 C  CA  . ILE A 1 74 ? 1.317   -0.076  -3.741  1.00 4.02  ? 124 ILE A CA  1 
ATOM   586 C  C   . ILE A 1 74 ? 1.870   -1.186  -2.827  1.00 4.10  ? 124 ILE A C   1 
ATOM   587 O  O   . ILE A 1 74 ? 3.049   -1.164  -2.446  1.00 3.52  ? 124 ILE A O   1 
ATOM   588 C  CB  . ILE A 1 74 ? 0.400   0.916   -2.952  1.00 4.29  ? 124 ILE A CB  1 
ATOM   589 C  CG1 . ILE A 1 74 ? 0.063   2.128   -3.829  1.00 3.56  ? 124 ILE A CG1 1 
ATOM   590 C  CG2 . ILE A 1 74 ? 1.025   1.352   -1.616  1.00 3.91  ? 124 ILE A CG2 1 
ATOM   591 C  CD1 . ILE A 1 74 ? -1.108  2.969   -3.245  1.00 4.95  ? 124 ILE A CD1 1 
ATOM   592 N  N   . ALA A 1 75 ? 1.015   -2.143  -2.467  1.00 3.43  ? 125 ALA A N   1 
ATOM   593 C  CA  . ALA A 1 75 ? 1.464   -3.315  -1.709  1.00 4.44  ? 125 ALA A CA  1 
ATOM   594 C  C   . ALA A 1 75 ? 2.588   -4.035  -2.456  1.00 4.31  ? 125 ALA A C   1 
ATOM   595 O  O   . ALA A 1 75 ? 3.613   -4.353  -1.851  1.00 4.92  ? 125 ALA A O   1 
ATOM   596 C  CB  . ALA A 1 75 ? 0.290   -4.271  -1.430  1.00 4.29  ? 125 ALA A CB  1 
ATOM   597 N  N   . ASP A 1 76 ? 2.424   -4.235  -3.770  1.00 4.53  ? 126 ASP A N   1 
ATOM   598 C  CA  . ASP A 1 76 ? 3.453   -4.866  -4.594  1.00 5.33  ? 126 ASP A CA  1 
ATOM   599 C  C   . ASP A 1 76 ? 4.775   -4.093  -4.628  1.00 6.04  ? 126 ASP A C   1 
ATOM   600 O  O   . ASP A 1 76 ? 5.841   -4.698  -4.515  1.00 5.58  ? 126 ASP A O   1 
ATOM   601 C  CB  . ASP A 1 76 ? 2.955   -5.203  -6.012  1.00 6.77  ? 126 ASP A CB  1 
ATOM   602 C  CG  . ASP A 1 76 ? 1.880   -6.299  -6.012  1.00 8.37  ? 126 ASP A CG  1 
ATOM   603 O  OD1 . ASP A 1 76 ? 1.640   -6.915  -4.955  1.00 11.29 ? 126 ASP A OD1 1 
ATOM   604 O  OD2 . ASP A 1 76 ? 1.228   -6.504  -7.054  1.00 12.23 ? 126 ASP A OD2 1 
ATOM   605 N  N   . PHE A 1 77 ? 4.708   -2.765  -4.780  1.00 5.17  ? 127 PHE A N   1 
ATOM   606 C  CA  . PHE A 1 77 ? 5.904   -1.923  -4.656  1.00 5.33  ? 127 PHE A CA  1 
ATOM   607 C  C   . PHE A 1 77 ? 6.622   -2.103  -3.310  1.00 5.00  ? 127 PHE A C   1 
ATOM   608 O  O   . PHE A 1 77 ? 7.853   -2.219  -3.262  1.00 5.63  ? 127 PHE A O   1 
ATOM   609 C  CB  . PHE A 1 77 ? 5.554   -0.435  -4.862  1.00 4.87  ? 127 PHE A CB  1 
ATOM   610 C  CG  . PHE A 1 77 ? 6.762   0.468   -4.858  1.00 6.72  ? 127 PHE A CG  1 
ATOM   611 C  CD1 . PHE A 1 77 ? 7.416   0.779   -6.055  1.00 5.96  ? 127 PHE A CD1 1 
ATOM   612 C  CD2 . PHE A 1 77 ? 7.282   0.959   -3.642  1.00 6.25  ? 127 PHE A CD2 1 
ATOM   613 C  CE1 . PHE A 1 77 ? 8.545   1.587   -6.047  1.00 7.25  ? 127 PHE A CE1 1 
ATOM   614 C  CE2 . PHE A 1 77 ? 8.413   1.768   -3.626  1.00 6.57  ? 127 PHE A CE2 1 
ATOM   615 C  CZ  . PHE A 1 77 ? 9.034   2.098   -4.833  1.00 5.06  ? 127 PHE A CZ  1 
ATOM   616 N  N   . ILE A 1 78 ? 5.862   -2.115  -2.219  1.00 4.70  ? 128 ILE A N   1 
ATOM   617 C  CA  . ILE A 1 78 ? 6.428   -2.325  -0.889  1.00 4.86  ? 128 ILE A CA  1 
ATOM   618 C  C   . ILE A 1 78 ? 7.133   -3.687  -0.783  1.00 5.41  ? 128 ILE A C   1 
ATOM   619 O  O   . ILE A 1 78 ? 8.309   -3.765  -0.370  1.00 5.59  ? 128 ILE A O   1 
ATOM   620 C  CB  . ILE A 1 78 ? 5.337   -2.170  0.241   1.00 4.43  ? 128 ILE A CB  1 
ATOM   621 C  CG1 . ILE A 1 78 ? 4.943   -0.694  0.383   1.00 3.91  ? 128 ILE A CG1 1 
ATOM   622 C  CG2 . ILE A 1 78 ? 5.870   -2.686  1.570   1.00 4.34  ? 128 ILE A CG2 1 
ATOM   623 C  CD1 . ILE A 1 78 ? 3.572   -0.447  1.099   1.00 6.63  ? 128 ILE A CD1 1 
ATOM   624 N  N   . THR A 1 79 ? 6.424   -4.751  -1.145  1.00 5.47  ? 129 THR A N   1 
ATOM   625 C  CA  . THR A 1 79 ? 6.964   -6.118  -0.941  1.00 5.74  ? 129 THR A CA  1 
ATOM   626 C  C   . THR A 1 79 ? 8.102   -6.468  -1.900  1.00 6.95  ? 129 THR A C   1 
ATOM   627 O  O   . THR A 1 79 ? 8.853   -7.431  -1.649  1.00 6.85  ? 129 THR A O   1 
ATOM   628 C  CB  . THR A 1 79 ? 5.866   -7.211  -0.929  1.00 5.76  ? 129 THR A CB  1 
ATOM   629 O  OG1 . THR A 1 79 ? 5.230   -7.275  -2.196  1.00 3.55  ? 129 THR A OG1 1 
ATOM   630 C  CG2 . THR A 1 79 ? 4.804   -6.912  0.148   1.00 4.99  ? 129 THR A CG2 1 
ATOM   631 N  N   . SER A 1 80 ? 8.248   -5.692  -2.982  1.00 7.28  ? 130 SER A N   1 
ATOM   632 C  CA  . SER A 1 80 ? 9.367   -5.903  -3.916  1.00 8.48  ? 130 SER A CA  1 
ATOM   633 C  C   . SER A 1 80 ? 10.578  -4.991  -3.651  1.00 8.24  ? 130 SER A C   1 
ATOM   634 O  O   . SER A 1 80 ? 11.669  -5.214  -4.193  1.00 8.60  ? 130 SER A O   1 
ATOM   635 C  CB  . SER A 1 80 ? 8.895   -5.769  -5.372  1.00 8.40  ? 130 SER A CB  1 
ATOM   636 O  OG  . SER A 1 80 ? 8.595   -4.422  -5.683  1.00 12.58 ? 130 SER A OG  1 
ATOM   637 N  N   . ASN A 1 81 ? 10.398  -3.977  -2.813  1.00 7.96  ? 131 ASN A N   1 
ATOM   638 C  CA  . ASN A 1 81 ? 11.474  -3.027  -2.542  1.00 8.49  ? 131 ASN A CA  1 
ATOM   639 C  C   . ASN A 1 81 ? 11.959  -2.976  -1.090  1.00 8.78  ? 131 ASN A C   1 
ATOM   640 O  O   . ASN A 1 81 ? 13.035  -2.464  -0.801  1.00 8.45  ? 131 ASN A O   1 
ATOM   641 C  CB  . ASN A 1 81 ? 11.091  -1.636  -3.045  1.00 8.06  ? 131 ASN A CB  1 
ATOM   642 C  CG  . ASN A 1 81 ? 11.180  -1.523  -4.559  1.00 8.61  ? 131 ASN A CG  1 
ATOM   643 O  OD1 . ASN A 1 81 ? 12.273  -1.531  -5.122  1.00 8.51  ? 131 ASN A OD1 1 
ATOM   644 N  ND2 . ASN A 1 81 ? 10.028  -1.452  -5.226  1.00 10.00 ? 131 ASN A ND2 1 
ATOM   645 N  N   . TYR A 1 82 ? 11.167  -3.500  -0.167  1.00 9.16  ? 132 TYR A N   1 
ATOM   646 C  CA  . TYR A 1 82 ? 11.533  -3.402  1.242   1.00 9.36  ? 132 TYR A CA  1 
ATOM   647 C  C   . TYR A 1 82 ? 11.572  -4.785  1.868   1.00 10.02 ? 132 TYR A C   1 
ATOM   648 O  O   . TYR A 1 82 ? 12.014  -4.957  3.005   1.00 10.87 ? 132 TYR A O   1 
ATOM   649 C  CB  . TYR A 1 82 ? 10.553  -2.500  1.992   1.00 9.41  ? 132 TYR A CB  1 
ATOM   650 C  CG  . TYR A 1 82 ? 10.527  -1.070  1.525   1.00 10.03 ? 132 TYR A CG  1 
ATOM   651 C  CD1 . TYR A 1 82 ? 11.241  -0.081  2.207   1.00 10.91 ? 132 TYR A CD1 1 
ATOM   652 C  CD2 . TYR A 1 82 ? 9.778   -0.696  0.414   1.00 9.68  ? 132 TYR A CD2 1 
ATOM   653 C  CE1 . TYR A 1 82 ? 11.207  1.250   1.791   1.00 10.88 ? 132 TYR A CE1 1 
ATOM   654 C  CE2 . TYR A 1 82 ? 9.747   0.618   -0.017  1.00 11.64 ? 132 TYR A CE2 1 
ATOM   655 C  CZ  . TYR A 1 82 ? 10.453  1.589   0.685   1.00 12.37 ? 132 TYR A CZ  1 
ATOM   656 O  OH  . TYR A 1 82 ? 10.413  2.900   0.262   1.00 12.97 ? 132 TYR A OH  1 
ATOM   657 O  OXT . TYR A 1 82 ? 11.165  -5.765  1.239   1.00 10.69 ? 132 TYR A OXT 1 
HETATM 658 CL CL  . CL  B 2 .  ? 10.948  5.156   2.063   1.00 27.85 ? 242 CL  A CL  1 
HETATM 659 O  O   . HOH C 3 .  ? 8.276   -0.832  11.274  1.00 5.14  ? 133 HOH A O   1 
HETATM 660 O  O   . HOH C 3 .  ? 3.775   0.100   -10.202 1.00 19.45 ? 134 HOH A O   1 
HETATM 661 O  O   . HOH C 3 .  ? -8.955  6.182   -6.501  1.00 5.59  ? 135 HOH A O   1 
HETATM 662 O  O   . HOH C 3 .  ? -6.935  11.866  0.057   1.00 4.51  ? 136 HOH A O   1 
HETATM 663 O  O   . HOH C 3 .  ? -11.459 -1.534  -7.167  1.00 25.68 ? 137 HOH A O   1 
HETATM 664 O  O   . HOH C 3 .  ? -2.409  -4.104  -9.424  1.00 11.09 ? 138 HOH A O   1 
HETATM 665 O  O   . HOH C 3 .  ? -5.858  -7.313  -5.530  1.00 6.29  ? 139 HOH A O   1 
HETATM 666 O  O   . HOH C 3 .  ? -4.840  8.051   7.823   1.00 19.14 ? 140 HOH A O   1 
HETATM 667 O  O   . HOH C 3 .  ? -1.828  -11.578 9.667   1.00 9.29  ? 141 HOH A O   1 
HETATM 668 O  O   . HOH C 3 .  ? -2.459  0.469   5.520   1.00 7.38  ? 142 HOH A O   1 
HETATM 669 O  O   . HOH C 3 .  ? -12.812 -4.814  -0.241  1.00 9.91  ? 143 HOH A O   1 
HETATM 670 O  O   . HOH C 3 .  ? -14.367 0.972   -3.840  1.00 27.76 ? 144 HOH A O   1 
HETATM 671 O  O   . HOH C 3 .  ? 10.776  7.007   -4.729  1.00 8.94  ? 145 HOH A O   1 
HETATM 672 O  O   . HOH C 3 .  ? -4.299  -9.742  9.387   1.00 10.27 ? 146 HOH A O   1 
HETATM 673 O  O   . HOH C 3 .  ? 6.224   4.126   -8.284  1.00 10.14 ? 147 HOH A O   1 
HETATM 674 O  O   . HOH C 3 .  ? -6.700  14.696  -10.667 1.00 15.79 ? 148 HOH A O   1 
HETATM 675 O  O   . HOH C 3 .  ? -8.732  15.384  -0.403  1.00 9.61  ? 149 HOH A O   1 
HETATM 676 O  O   . HOH C 3 .  ? 3.655   -1.832  -8.007  1.00 8.16  ? 150 HOH A O   1 
HETATM 677 O  O   . HOH C 3 .  ? 0.269   -4.845  -8.784  1.00 17.82 ? 151 HOH A O   1 
HETATM 678 O  O   . HOH C 3 .  ? -5.312  10.835  4.430   1.00 25.62 ? 152 HOH A O   1 
HETATM 679 O  O   . HOH C 3 .  ? -4.811  -13.973 2.416   1.00 14.79 ? 154 HOH A O   1 
HETATM 680 O  O   . HOH C 3 .  ? -17.103 4.510   1.574   1.00 11.79 ? 155 HOH A O   1 
HETATM 681 O  O   . HOH C 3 .  ? 2.348   -7.567  -2.340  1.00 18.25 ? 156 HOH A O   1 
HETATM 682 O  O   . HOH C 3 .  ? -1.069  -1.415  9.329   1.00 20.97 ? 157 HOH A O   1 
HETATM 683 O  O   . HOH C 3 .  ? -3.885  -9.817  -3.018  1.00 14.09 ? 158 HOH A O   1 
HETATM 684 O  O   . HOH C 3 .  ? 14.636  -2.568  -4.120  1.00 14.41 ? 159 HOH A O   1 
HETATM 685 O  O   . HOH C 3 .  ? -9.873  -6.180  6.254   1.00 15.55 ? 160 HOH A O   1 
HETATM 686 O  O   . HOH C 3 .  ? 15.255  -9.610  11.759  1.00 10.95 ? 161 HOH A O   1 
HETATM 687 O  O   . HOH C 3 .  ? -12.742 7.131   -0.095  1.00 16.82 ? 162 HOH A O   1 
HETATM 688 O  O   . HOH C 3 .  ? 12.797  -7.574  3.021   1.00 35.36 ? 163 HOH A O   1 
HETATM 689 O  O   . HOH C 3 .  ? 6.924   -18.581 6.140   1.00 18.55 ? 164 HOH A O   1 
HETATM 690 O  O   . HOH C 3 .  ? -10.279 11.583  0.044   1.00 17.40 ? 165 HOH A O   1 
HETATM 691 O  O   . HOH C 3 .  ? 7.734   -8.089  14.961  1.00 17.64 ? 166 HOH A O   1 
HETATM 692 O  O   . HOH C 3 .  ? 3.823   -19.226 5.558   1.00 17.18 ? 167 HOH A O   1 
HETATM 693 O  O   . HOH C 3 .  ? -6.327  8.281   5.108   1.00 16.04 ? 168 HOH A O   1 
HETATM 694 O  O   . HOH C 3 .  ? -6.733  12.580  2.571   1.00 19.50 ? 169 HOH A O   1 
HETATM 695 O  O   . HOH C 3 .  ? -5.189  -6.732  -11.891 1.00 26.24 ? 170 HOH A O   1 
HETATM 696 O  O   . HOH C 3 .  ? 6.679   11.256  -7.347  1.00 15.77 ? 171 HOH A O   1 
HETATM 697 O  O   . HOH C 3 .  ? -2.275  -15.844 4.051   1.00 13.06 ? 172 HOH A O   1 
HETATM 698 O  O   . HOH C 3 .  ? 2.367   15.717  -9.377  1.00 15.44 ? 173 HOH A O   1 
HETATM 699 O  O   . HOH C 3 .  ? -2.906  1.934   -15.034 1.00 19.04 ? 174 HOH A O   1 
HETATM 700 O  O   . HOH C 3 .  ? 2.436   2.053   -11.562 1.00 19.48 ? 175 HOH A O   1 
HETATM 701 O  O   . HOH C 3 .  ? 2.147   -3.406  -12.254 1.00 30.20 ? 176 HOH A O   1 
HETATM 702 O  O   . HOH C 3 .  ? -4.865  0.896   6.000   1.00 27.54 ? 177 HOH A O   1 
HETATM 703 O  O   . HOH C 3 .  ? -4.151  -6.273  -9.366  1.00 20.49 ? 178 HOH A O   1 
HETATM 704 O  O   . HOH C 3 .  ? 10.233  -1.311  -8.062  1.00 18.13 ? 179 HOH A O   1 
HETATM 705 O  O   . HOH C 3 .  ? -5.446  3.888   5.634   1.00 20.34 ? 180 HOH A O   1 
HETATM 706 O  O   . HOH C 3 .  ? 3.682   -13.200 2.177   1.00 20.11 ? 181 HOH A O   1 
HETATM 707 O  O   . HOH C 3 .  ? 10.354  3.778   -2.092  1.00 35.19 ? 182 HOH A O   1 
HETATM 708 O  O   . HOH C 3 .  ? -2.850  -13.666 10.825  1.00 17.23 ? 183 HOH A O   1 
HETATM 709 O  O   . HOH C 3 .  ? 2.557   6.942   -16.175 1.00 22.50 ? 184 HOH A O   1 
HETATM 710 O  O   . HOH C 3 .  ? -0.402  -8.467  -7.514  1.00 22.31 ? 185 HOH A O   1 
HETATM 711 O  O   . HOH C 3 .  ? 3.023   -5.396  11.967  1.00 14.98 ? 186 HOH A O   1 
HETATM 712 O  O   . HOH C 3 .  ? 2.459   -3.999  -9.447  1.00 25.47 ? 187 HOH A O   1 
HETATM 713 O  O   . HOH C 3 .  ? -1.057  -9.205  -1.793  1.00 21.62 ? 188 HOH A O   1 
HETATM 714 O  O   . HOH C 3 .  ? -14.908 8.707   -3.130  1.00 21.13 ? 189 HOH A O   1 
HETATM 715 O  O   . HOH C 3 .  ? 8.494   12.346  -0.179  1.00 21.43 ? 190 HOH A O   1 
HETATM 716 O  O   . HOH C 3 .  ? 2.854   -7.539  13.655  1.00 16.45 ? 191 HOH A O   1 
HETATM 717 O  O   . HOH C 3 .  ? 6.352   13.509  -1.606  1.00 18.27 ? 192 HOH A O   1 
HETATM 718 O  O   . HOH C 3 .  ? 6.407   14.037  -6.792  1.00 16.93 ? 193 HOH A O   1 
HETATM 719 O  O   . HOH C 3 .  ? -5.919  -5.925  -7.720  1.00 21.12 ? 194 HOH A O   1 
HETATM 720 O  O   . HOH C 3 .  ? 6.097   -3.159  -7.982  1.00 23.78 ? 195 HOH A O   1 
HETATM 721 O  O   . HOH C 3 .  ? 1.934   16.801  -6.714  1.00 21.29 ? 196 HOH A O   1 
HETATM 722 O  O   . HOH C 3 .  ? 2.090   3.380   13.845  1.00 17.00 ? 197 HOH A O   1 
HETATM 723 O  O   . HOH C 3 .  ? -4.501  12.438  -11.665 1.00 30.71 ? 198 HOH A O   1 
HETATM 724 O  O   . HOH C 3 .  ? 4.361   8.066   -12.982 1.00 29.05 ? 199 HOH A O   1 
HETATM 725 O  O   . HOH C 3 .  ? -4.524  -4.183  -13.426 1.00 32.25 ? 200 HOH A O   1 
HETATM 726 O  O   . HOH C 3 .  ? 8.950   -14.745 5.333   1.00 35.45 ? 201 HOH A O   1 
HETATM 727 O  O   . HOH C 3 .  ? -0.001  13.374  2.077   1.00 25.06 ? 202 HOH A O   1 
HETATM 728 O  O   . HOH C 3 .  ? -12.384 -4.355  -3.016  1.00 22.48 ? 203 HOH A O   1 
HETATM 729 O  O   . HOH C 3 .  ? 13.821  3.960   2.569   1.00 30.89 ? 204 HOH A O   1 
HETATM 730 O  O   . HOH C 3 .  ? -14.884 1.361   4.395   1.00 22.33 ? 205 HOH A O   1 
HETATM 731 O  O   . HOH C 3 .  ? -9.571  5.248   -9.127  1.00 20.34 ? 206 HOH A O   1 
HETATM 732 O  O   . HOH C 3 .  ? 6.528   -12.770 2.113   1.00 28.89 ? 207 HOH A O   1 
HETATM 733 O  O   . HOH C 3 .  ? -8.648  1.264   5.447   1.00 20.50 ? 208 HOH A O   1 
HETATM 734 O  O   . HOH C 3 .  ? 7.307   -19.586 3.148   1.00 20.59 ? 209 HOH A O   1 
HETATM 735 O  O   . HOH C 3 .  ? -5.489  -14.786 4.885   1.00 31.30 ? 210 HOH A O   1 
HETATM 736 O  O   . HOH C 3 .  ? 4.167   -1.473  -12.373 1.00 25.80 ? 211 HOH A O   1 
HETATM 737 O  O   . HOH C 3 .  ? -12.373 -7.862  -4.827  1.00 17.49 ? 212 HOH A O   1 
HETATM 738 O  O   . HOH C 3 .  ? 6.219   1.756   -9.418  1.00 21.77 ? 213 HOH A O   1 
HETATM 739 O  O   . HOH C 3 .  ? -3.795  -0.396  -11.400 1.00 29.09 ? 214 HOH A O   1 
HETATM 740 O  O   . HOH C 3 .  ? -17.539 7.624   0.644   1.00 25.74 ? 215 HOH A O   1 
HETATM 741 O  O   . HOH C 3 .  ? -11.828 13.419  -0.716  1.00 24.57 ? 216 HOH A O   1 
HETATM 742 O  O   . HOH C 3 .  ? 0.790   0.245   -15.234 1.00 20.49 ? 218 HOH A O   1 
HETATM 743 O  O   . HOH C 3 .  ? -5.669  17.863  -3.905  1.00 21.21 ? 219 HOH A O   1 
HETATM 744 O  O   . HOH C 3 .  ? -0.132  6.403   7.464   1.00 24.98 ? 220 HOH A O   1 
HETATM 745 O  O   . HOH C 3 .  ? -6.657  1.978   -10.659 1.00 25.37 ? 221 HOH A O   1 
HETATM 746 O  O   . HOH C 3 .  ? -14.583 -0.677  6.422   1.00 32.48 ? 222 HOH A O   1 
HETATM 747 O  O   . HOH C 3 .  ? 9.074   -12.725 7.623   1.00 28.65 ? 223 HOH A O   1 
HETATM 748 O  O   . HOH C 3 .  ? 0.141   -17.451 2.234   1.00 28.80 ? 224 HOH A O   1 
HETATM 749 O  O   . HOH C 3 .  ? 4.016   3.704   -12.868 1.00 23.13 ? 225 HOH A O   1 
HETATM 750 O  O   . HOH C 3 .  ? -8.089  -12.382 8.985   1.00 12.84 ? 227 HOH A O   1 
HETATM 751 O  O   . HOH C 3 .  ? -5.851  6.023   3.834   1.00 9.44  ? 228 HOH A O   1 
HETATM 752 O  O   . HOH C 3 .  ? -17.958 2.110   0.398   1.00 14.67 ? 229 HOH A O   1 
HETATM 753 O  O   . HOH C 3 .  ? -4.928  14.173  -1.831  1.00 8.62  ? 230 HOH A O   1 
HETATM 754 O  O   . HOH C 3 .  ? -1.569  11.193  3.424   1.00 14.67 ? 231 HOH A O   1 
HETATM 755 O  O   . HOH C 3 .  ? 12.933  -11.494 3.075   1.00 26.34 ? 232 HOH A O   1 
HETATM 756 O  O   . HOH C 3 .  ? -2.605  -3.206  -11.781 1.00 19.04 ? 233 HOH A O   1 
HETATM 757 O  O   . HOH C 3 .  ? 1.311   5.188   9.404   1.00 30.77 ? 234 HOH A O   1 
HETATM 758 O  O   . HOH C 3 .  ? -6.537  -0.874  5.182   1.00 16.21 ? 235 HOH A O   1 
HETATM 759 O  O   . HOH C 3 .  ? 4.375   -16.112 11.873  1.00 26.50 ? 236 HOH A O   1 
HETATM 760 O  O   . HOH C 3 .  ? -2.989  10.726  -14.059 1.00 16.45 ? 237 HOH A O   1 
HETATM 761 O  O   . HOH C 3 .  ? 1.031   3.724   11.197  1.00 20.49 ? 238 HOH A O   1 
HETATM 762 O  O   . HOH C 3 .  ? -1.817  3.295   12.199  1.00 32.39 ? 239 HOH A O   1 
HETATM 763 O  O   . HOH C 3 .  ? -1.654  2.455   14.889  1.00 25.78 ? 240 HOH A O   1 
HETATM 764 O  O   . HOH C 3 .  ? 1.479   0.909   10.664  1.00 19.89 ? 241 HOH A O   1 
# 
